data_2E0W
#
_entry.id   2E0W
#
_cell.length_a   134.6
_cell.length_b   134.6
_cell.length_c   118.4
_cell.angle_alpha   90.0
_cell.angle_beta   90.0
_cell.angle_gamma   90.0
#
_symmetry.space_group_name_H-M   'P 43 21 2'
#
loop_
_entity.id
_entity.type
_entity.pdbx_description
1 polymer Gamma-glutamyltranspeptidase
2 water water
#
_entity_poly.entity_id   1
_entity_poly.type   'polypeptide(L)'
_entity_poly.pdbx_seq_one_letter_code
;AAPPAPPVSYGVEEDVFHPVRAKQGMVASVDATATQVGVDILKEGGNAVDAAVAVGYALAVTHPQAGNLGGGGFMLIRSK
NGNTTAIDFREMAPAKATRDMFLDDQGNPDSKKSLTSHLASGTPGTVAGFSLALDKYGTMPLNKVVQPAFKLARDGFIVN
DALADDLKTYGSEVLPNHENSKAIFWKEGEPLKKGDTLVQANLAKSLEMIAENGPDEFYKGTIAEQIAQEMQKNGGLITK
EDLAAYKAVERTPISGDYRGYQVYSMPPPSSGGIHIVQILNILENFDMKKYGFGSADAMQIMAEAEKYAYADRSEYLGDP
DFVKVPWQALTNKAYAKSIADQIDINKAKPSSEIRPGKLAPYESNQATHYSVVDKDGNAVAVTYTLNTTFGTGIVAGESG
ILLNNQMDDFSAKPGVPNVYGLVGGDANAVGPNKRPLSSMSPTIVVKDGKTWLVTGSPGGSRIITTVLQMVVNSIDYGLN
VAEATNAPRFHHQWLPDELRVEKGFSPDTLKLLEAKGQKVALKEAMGSTQSIMVGPDGELYGASDPRSVDDLTAGY
;
_entity_poly.pdbx_strand_id   A,B
#
# COMPACT_ATOMS: atom_id res chain seq x y z
N ALA A 5 19.58 -17.20 17.21
CA ALA A 5 18.71 -17.04 16.01
C ALA A 5 17.78 -15.83 16.16
N PRO A 6 17.87 -14.86 15.23
CA PRO A 6 17.04 -13.64 15.33
C PRO A 6 15.57 -13.94 15.05
N PRO A 7 14.69 -13.64 16.05
CA PRO A 7 13.28 -14.05 15.96
C PRO A 7 12.56 -13.36 14.79
N VAL A 8 11.73 -14.14 14.12
CA VAL A 8 11.02 -13.69 12.92
C VAL A 8 9.62 -13.18 13.26
N SER A 9 9.11 -12.25 12.45
CA SER A 9 7.71 -11.85 12.58
C SER A 9 6.93 -11.99 11.25
N TYR A 10 5.74 -12.54 11.34
CA TYR A 10 4.93 -12.78 10.15
C TYR A 10 3.95 -11.65 9.86
N GLY A 11 3.71 -10.85 10.89
CA GLY A 11 2.78 -9.71 10.85
C GLY A 11 1.81 -9.81 12.02
N VAL A 12 1.52 -8.68 12.66
CA VAL A 12 0.46 -8.63 13.69
C VAL A 12 -0.49 -7.47 13.41
N GLU A 13 -1.64 -7.44 14.08
CA GLU A 13 -2.66 -6.41 13.87
C GLU A 13 -2.06 -4.98 13.97
N GLU A 14 -1.08 -4.85 14.86
CA GLU A 14 -0.54 -3.54 15.28
C GLU A 14 0.55 -2.92 14.38
N ASP A 15 0.97 -3.69 13.37
CA ASP A 15 1.97 -3.26 12.38
C ASP A 15 1.44 -2.20 11.42
N VAL A 16 2.34 -1.38 10.88
CA VAL A 16 1.98 -0.39 9.86
C VAL A 16 1.62 -1.04 8.51
N PHE A 17 2.46 -1.97 8.05
CA PHE A 17 2.21 -2.70 6.80
C PHE A 17 1.82 -4.15 7.07
N HIS A 18 0.66 -4.49 6.52
CA HIS A 18 0.01 -5.77 6.74
C HIS A 18 0.13 -6.59 5.48
N PRO A 19 0.59 -7.84 5.62
CA PRO A 19 0.67 -8.80 4.53
C PRO A 19 -0.71 -9.27 4.08
N VAL A 20 -0.86 -9.56 2.80
CA VAL A 20 -2.05 -10.22 2.31
C VAL A 20 -1.99 -11.62 2.82
N ARG A 21 -3.14 -12.18 3.21
CA ARG A 21 -3.16 -13.46 3.87
C ARG A 21 -4.03 -14.49 3.18
N ALA A 22 -3.62 -15.75 3.35
CA ALA A 22 -4.31 -16.91 2.81
C ALA A 22 -3.84 -18.16 3.57
N LYS A 23 -4.65 -19.21 3.56
CA LYS A 23 -4.34 -20.43 4.30
C LYS A 23 -3.95 -21.58 3.36
N GLN A 24 -4.25 -21.42 2.08
CA GLN A 24 -4.06 -22.52 1.15
C GLN A 24 -3.06 -22.21 0.05
N GLY A 25 -3.32 -21.17 -0.76
CA GLY A 25 -2.46 -20.82 -1.88
C GLY A 25 -2.32 -19.33 -2.02
N MET A 26 -1.26 -18.86 -2.69
CA MET A 26 -1.03 -17.42 -2.83
C MET A 26 -0.21 -17.09 -4.08
N VAL A 27 -0.55 -15.98 -4.71
CA VAL A 27 0.20 -15.48 -5.88
C VAL A 27 0.49 -14.00 -5.72
N ALA A 28 1.75 -13.59 -5.93
CA ALA A 28 2.11 -12.18 -5.95
C ALA A 28 2.69 -11.85 -7.30
N SER A 29 2.12 -10.85 -7.97
CA SER A 29 2.61 -10.42 -9.25
C SER A 29 2.35 -8.92 -9.48
N VAL A 30 2.96 -8.37 -10.54
CA VAL A 30 2.84 -6.96 -10.91
C VAL A 30 1.46 -6.57 -11.42
N ASP A 31 0.67 -7.52 -11.90
CA ASP A 31 -0.65 -7.21 -12.48
C ASP A 31 -1.82 -7.94 -11.81
N ALA A 32 -2.83 -7.16 -11.44
CA ALA A 32 -4.00 -7.68 -10.70
C ALA A 32 -4.66 -8.89 -11.37
N THR A 33 -4.90 -8.80 -12.67
CA THR A 33 -5.55 -9.87 -13.42
C THR A 33 -4.67 -11.12 -13.39
N ALA A 34 -3.39 -10.98 -13.72
CA ALA A 34 -2.46 -12.11 -13.71
C ALA A 34 -2.54 -12.90 -12.39
N THR A 35 -2.38 -12.20 -11.28
CA THR A 35 -2.52 -12.77 -9.96
C THR A 35 -3.81 -13.59 -9.82
N GLN A 36 -4.93 -13.06 -10.33
CA GLN A 36 -6.22 -13.76 -10.23
C GLN A 36 -6.27 -15.01 -11.13
N VAL A 37 -5.69 -14.92 -12.32
CA VAL A 37 -5.48 -16.09 -13.13
C VAL A 37 -4.75 -17.14 -12.28
N GLY A 38 -3.66 -16.73 -11.64
CA GLY A 38 -2.85 -17.64 -10.83
C GLY A 38 -3.65 -18.31 -9.73
N VAL A 39 -4.32 -17.51 -8.90
CA VAL A 39 -5.16 -18.02 -7.82
C VAL A 39 -6.23 -18.98 -8.34
N ASP A 40 -6.86 -18.62 -9.45
CA ASP A 40 -7.93 -19.45 -10.00
C ASP A 40 -7.42 -20.81 -10.49
N ILE A 41 -6.16 -20.85 -10.93
CA ILE A 41 -5.54 -22.09 -11.34
C ILE A 41 -5.31 -23.01 -10.14
N LEU A 42 -4.70 -22.46 -9.09
CA LEU A 42 -4.59 -23.15 -7.79
C LEU A 42 -5.94 -23.68 -7.32
N LYS A 43 -6.95 -22.84 -7.46
CA LYS A 43 -8.29 -23.12 -7.01
C LYS A 43 -8.91 -24.28 -7.80
N GLU A 44 -8.52 -24.42 -9.07
CA GLU A 44 -8.96 -25.57 -9.88
C GLU A 44 -8.33 -26.87 -9.34
N GLY A 45 -7.18 -26.73 -8.69
CA GLY A 45 -6.42 -27.87 -8.14
C GLY A 45 -5.00 -27.99 -8.68
N GLY A 46 -4.53 -27.00 -9.41
CA GLY A 46 -3.19 -27.01 -9.97
C GLY A 46 -2.15 -26.82 -8.88
N ASN A 47 -0.92 -27.24 -9.16
CA ASN A 47 0.18 -27.00 -8.24
C ASN A 47 0.87 -25.66 -8.53
N ALA A 48 1.83 -25.27 -7.69
CA ALA A 48 2.48 -23.98 -7.85
C ALA A 48 3.02 -23.77 -9.26
N VAL A 49 3.62 -24.81 -9.85
CA VAL A 49 4.14 -24.72 -11.23
C VAL A 49 2.99 -24.53 -12.22
N ASP A 50 1.90 -25.26 -12.02
CA ASP A 50 0.72 -25.06 -12.87
C ASP A 50 0.36 -23.57 -12.87
N ALA A 51 0.29 -22.98 -11.68
CA ALA A 51 -0.19 -21.61 -11.57
C ALA A 51 0.84 -20.63 -12.14
N ALA A 52 2.12 -20.87 -11.87
CA ALA A 52 3.19 -19.98 -12.32
C ALA A 52 3.21 -19.84 -13.84
N VAL A 53 3.09 -20.95 -14.55
CA VAL A 53 2.95 -20.94 -16.01
C VAL A 53 1.72 -20.13 -16.48
N ALA A 54 0.58 -20.36 -15.83
CA ALA A 54 -0.64 -19.62 -16.16
C ALA A 54 -0.44 -18.11 -15.93
N VAL A 55 0.24 -17.76 -14.83
CA VAL A 55 0.50 -16.38 -14.51
C VAL A 55 1.41 -15.83 -15.59
N GLY A 56 2.41 -16.63 -15.99
CA GLY A 56 3.39 -16.22 -16.99
C GLY A 56 2.78 -16.00 -18.36
N TYR A 57 1.82 -16.84 -18.72
CA TYR A 57 1.09 -16.65 -19.95
C TYR A 57 0.10 -15.48 -19.85
N ALA A 58 -0.54 -15.31 -18.68
CA ALA A 58 -1.48 -14.20 -18.53
C ALA A 58 -0.74 -12.88 -18.66
N LEU A 59 0.45 -12.81 -18.05
CA LEU A 59 1.29 -11.64 -18.09
C LEU A 59 1.78 -11.32 -19.50
N ALA A 60 1.95 -12.38 -20.30
CA ALA A 60 2.24 -12.23 -21.71
C ALA A 60 1.15 -11.42 -22.41
N VAL A 61 -0.08 -11.58 -21.94
CA VAL A 61 -1.21 -10.84 -22.46
C VAL A 61 -1.35 -9.46 -21.80
N THR A 62 -1.25 -9.41 -20.47
CA THR A 62 -1.64 -8.21 -19.71
C THR A 62 -0.51 -7.29 -19.24
N HIS A 63 0.74 -7.68 -19.48
CA HIS A 63 1.89 -6.87 -19.12
C HIS A 63 2.90 -6.92 -20.25
N PRO A 64 2.49 -6.49 -21.47
CA PRO A 64 3.44 -6.51 -22.59
C PRO A 64 4.68 -5.66 -22.34
N GLN A 65 4.65 -4.83 -21.31
CA GLN A 65 5.87 -4.12 -20.91
C GLN A 65 7.02 -5.10 -20.74
N ALA A 66 6.72 -6.23 -20.10
CA ALA A 66 7.77 -7.15 -19.70
C ALA A 66 7.34 -8.62 -19.76
N GLY A 67 6.05 -8.90 -19.44
CA GLY A 67 5.46 -10.24 -19.63
C GLY A 67 5.45 -10.57 -21.11
N ASN A 68 5.71 -11.82 -21.47
CA ASN A 68 6.11 -12.13 -22.84
C ASN A 68 6.00 -13.58 -23.25
N LEU A 69 5.91 -13.76 -24.56
CA LEU A 69 6.23 -15.01 -25.22
C LEU A 69 7.49 -14.83 -26.07
N GLY A 70 7.86 -13.58 -26.31
CA GLY A 70 8.96 -13.24 -27.20
C GLY A 70 10.25 -12.89 -26.51
N GLY A 71 10.33 -13.15 -25.20
CA GLY A 71 11.54 -12.93 -24.44
C GLY A 71 12.01 -14.18 -23.74
N GLY A 72 12.64 -13.99 -22.58
CA GLY A 72 13.01 -15.12 -21.74
C GLY A 72 13.14 -14.70 -20.29
N GLY A 73 13.76 -15.55 -19.49
CA GLY A 73 13.95 -15.29 -18.08
C GLY A 73 14.29 -16.49 -17.24
N PHE A 74 14.23 -16.31 -15.94
CA PHE A 74 14.69 -17.33 -15.01
C PHE A 74 13.53 -17.79 -14.14
N MET A 75 13.60 -19.04 -13.69
CA MET A 75 12.63 -19.65 -12.77
C MET A 75 13.29 -20.55 -11.74
N LEU A 76 12.99 -20.30 -10.46
CA LEU A 76 13.42 -21.19 -9.39
C LEU A 76 12.20 -21.90 -8.80
N ILE A 77 12.33 -23.22 -8.62
CA ILE A 77 11.27 -24.05 -8.05
C ILE A 77 11.82 -24.79 -6.85
N ARG A 78 11.12 -24.69 -5.72
CA ARG A 78 11.35 -25.61 -4.61
C ARG A 78 10.08 -26.42 -4.33
N SER A 79 10.21 -27.75 -4.33
CA SER A 79 9.10 -28.64 -4.02
C SER A 79 8.91 -28.79 -2.52
N LYS A 80 7.78 -29.36 -2.11
CA LYS A 80 7.48 -29.54 -0.69
C LYS A 80 8.59 -30.26 0.09
N ASN A 81 9.14 -31.33 -0.47
CA ASN A 81 10.14 -32.11 0.26
C ASN A 81 11.56 -31.55 0.29
N GLY A 82 11.89 -30.67 -0.66
CA GLY A 82 13.16 -29.92 -0.60
C GLY A 82 13.93 -29.77 -1.91
N ASN A 83 13.51 -30.53 -2.91
CA ASN A 83 14.13 -30.53 -4.21
C ASN A 83 14.10 -29.15 -4.86
N THR A 84 15.25 -28.50 -4.94
CA THR A 84 15.38 -27.14 -5.50
C THR A 84 16.13 -27.13 -6.83
N THR A 85 15.50 -26.55 -7.84
CA THR A 85 16.00 -26.60 -9.20
C THR A 85 15.86 -25.23 -9.87
N ALA A 86 16.68 -24.98 -10.89
CA ALA A 86 16.63 -23.70 -11.58
C ALA A 86 16.49 -23.93 -13.07
N ILE A 87 15.57 -23.22 -13.69
CA ILE A 87 15.35 -23.36 -15.12
C ILE A 87 15.75 -22.07 -15.80
N ASP A 88 16.87 -22.13 -16.52
CA ASP A 88 17.35 -21.09 -17.42
C ASP A 88 16.56 -21.17 -18.72
N PHE A 89 15.71 -20.16 -18.96
CA PHE A 89 15.12 -19.93 -20.26
C PHE A 89 15.45 -18.51 -20.69
N ARG A 90 16.74 -18.20 -20.68
CA ARG A 90 17.24 -16.94 -21.17
C ARG A 90 17.31 -17.01 -22.69
N GLU A 91 17.05 -15.88 -23.34
CA GLU A 91 17.10 -15.80 -24.79
C GLU A 91 18.47 -16.24 -25.26
N MET A 92 18.50 -17.02 -26.34
CA MET A 92 19.73 -17.47 -26.97
C MET A 92 20.11 -16.54 -28.12
N ALA A 93 21.40 -16.26 -28.26
CA ALA A 93 21.91 -15.53 -29.41
C ALA A 93 21.87 -16.40 -30.67
N PRO A 94 21.78 -15.76 -31.86
CA PRO A 94 21.77 -16.55 -33.08
C PRO A 94 23.17 -16.92 -33.60
N ALA A 95 23.28 -18.04 -34.30
CA ALA A 95 24.54 -18.43 -34.92
C ALA A 95 24.81 -17.60 -36.17
N LYS A 96 25.64 -16.57 -36.01
CA LYS A 96 25.89 -15.60 -37.07
C LYS A 96 27.39 -15.43 -37.33
N SER A 117 17.63 0.59 -40.58
CA SER A 117 17.50 -0.01 -39.24
C SER A 117 17.48 -1.54 -39.27
N HIS A 118 18.51 -2.14 -38.67
CA HIS A 118 18.58 -3.60 -38.50
C HIS A 118 17.74 -4.02 -37.28
N LEU A 119 17.96 -5.25 -36.80
CA LEU A 119 17.28 -5.75 -35.59
C LEU A 119 18.10 -6.82 -34.85
N ALA A 120 17.83 -6.93 -33.55
CA ALA A 120 18.63 -7.76 -32.65
C ALA A 120 17.80 -8.33 -31.51
N SER A 121 17.16 -9.47 -31.77
CA SER A 121 16.34 -10.16 -30.79
C SER A 121 16.74 -11.62 -30.69
N GLY A 122 17.32 -11.98 -29.55
CA GLY A 122 17.66 -13.37 -29.28
C GLY A 122 16.46 -14.31 -29.27
N THR A 123 16.72 -15.56 -29.66
CA THR A 123 15.74 -16.64 -29.67
C THR A 123 14.98 -16.71 -28.33
N PRO A 124 13.65 -16.46 -28.38
CA PRO A 124 12.80 -16.42 -27.19
C PRO A 124 12.74 -17.76 -26.44
N GLY A 125 12.76 -17.67 -25.10
CA GLY A 125 12.93 -18.85 -24.27
C GLY A 125 11.72 -19.22 -23.46
N THR A 126 10.84 -18.25 -23.28
CA THR A 126 9.73 -18.34 -22.33
C THR A 126 8.85 -19.59 -22.49
N VAL A 127 8.39 -19.84 -23.72
CA VAL A 127 7.52 -20.97 -23.99
C VAL A 127 8.25 -22.29 -23.71
N ALA A 128 9.42 -22.47 -24.31
CA ALA A 128 10.25 -23.65 -24.04
C ALA A 128 10.61 -23.76 -22.55
N GLY A 129 10.70 -22.61 -21.90
CA GLY A 129 10.94 -22.54 -20.46
C GLY A 129 9.78 -23.03 -19.62
N PHE A 130 8.56 -22.69 -20.02
CA PHE A 130 7.36 -23.08 -19.28
C PHE A 130 7.02 -24.56 -19.46
N SER A 131 7.22 -25.07 -20.68
CA SER A 131 6.86 -26.44 -21.02
C SER A 131 7.68 -27.43 -20.18
N LEU A 132 8.99 -27.22 -20.16
CA LEU A 132 9.93 -28.01 -19.36
C LEU A 132 9.42 -28.08 -17.94
N ALA A 133 9.15 -26.90 -17.37
CA ALA A 133 8.64 -26.77 -16.03
C ALA A 133 7.29 -27.47 -15.84
N LEU A 134 6.40 -27.34 -16.82
CA LEU A 134 5.08 -27.95 -16.75
C LEU A 134 5.11 -29.45 -17.03
N ASP A 135 5.93 -29.86 -18.00
CA ASP A 135 6.06 -31.28 -18.34
C ASP A 135 6.75 -32.04 -17.21
N LYS A 136 7.76 -31.41 -16.59
CA LYS A 136 8.48 -32.05 -15.49
C LYS A 136 7.76 -31.90 -14.14
N TYR A 137 7.33 -30.69 -13.82
CA TYR A 137 6.85 -30.41 -12.45
C TYR A 137 5.38 -30.03 -12.30
N GLY A 138 4.71 -29.75 -13.42
CA GLY A 138 3.30 -29.39 -13.40
C GLY A 138 2.41 -30.61 -13.30
N THR A 139 1.11 -30.39 -13.07
CA THR A 139 0.14 -31.49 -13.10
C THR A 139 -0.93 -31.27 -14.17
N MET A 140 -0.93 -30.08 -14.74
CA MET A 140 -1.93 -29.72 -15.71
C MET A 140 -1.35 -29.78 -17.11
N PRO A 141 -2.19 -30.15 -18.11
CA PRO A 141 -1.74 -30.10 -19.49
C PRO A 141 -1.63 -28.64 -19.93
N LEU A 142 -0.68 -28.35 -20.81
CA LEU A 142 -0.47 -26.98 -21.28
C LEU A 142 -1.78 -26.25 -21.61
N ASN A 143 -2.69 -26.98 -22.24
CA ASN A 143 -3.92 -26.40 -22.75
C ASN A 143 -4.80 -25.79 -21.63
N LYS A 144 -4.86 -26.44 -20.47
CA LYS A 144 -5.57 -25.88 -19.32
C LYS A 144 -4.92 -24.60 -18.74
N VAL A 145 -3.58 -24.56 -18.69
CA VAL A 145 -2.87 -23.39 -18.17
C VAL A 145 -2.80 -22.17 -19.13
N VAL A 146 -2.89 -22.38 -20.44
CA VAL A 146 -2.88 -21.26 -21.39
C VAL A 146 -4.26 -20.58 -21.47
N GLN A 147 -5.29 -21.34 -21.11
CA GLN A 147 -6.70 -20.98 -21.34
C GLN A 147 -7.13 -19.59 -20.82
N PRO A 148 -6.81 -19.26 -19.55
CA PRO A 148 -7.14 -17.93 -19.01
C PRO A 148 -6.49 -16.77 -19.77
N ALA A 149 -5.26 -16.97 -20.25
CA ALA A 149 -4.59 -15.95 -21.05
C ALA A 149 -5.19 -15.84 -22.44
N PHE A 150 -5.59 -16.98 -23.00
CA PHE A 150 -6.21 -17.04 -24.32
C PHE A 150 -7.51 -16.24 -24.32
N LYS A 151 -8.31 -16.43 -23.27
CA LYS A 151 -9.54 -15.67 -23.11
C LYS A 151 -9.25 -14.17 -22.99
N LEU A 152 -8.12 -13.81 -22.37
CA LEU A 152 -7.79 -12.40 -22.15
C LEU A 152 -7.40 -11.67 -23.45
N ALA A 153 -6.73 -12.41 -24.33
CA ALA A 153 -6.40 -11.90 -25.66
C ALA A 153 -7.65 -11.82 -26.52
N ARG A 154 -8.36 -12.95 -26.62
CA ARG A 154 -9.59 -13.05 -27.40
C ARG A 154 -10.59 -11.96 -27.02
N ASP A 155 -11.05 -11.99 -25.78
CA ASP A 155 -12.15 -11.15 -25.35
C ASP A 155 -11.69 -9.74 -25.00
N GLY A 156 -10.39 -9.61 -24.71
CA GLY A 156 -9.81 -8.34 -24.31
C GLY A 156 -9.96 -8.07 -22.82
N PHE A 157 -9.21 -7.08 -22.33
CA PHE A 157 -9.32 -6.62 -20.94
C PHE A 157 -9.22 -5.10 -20.90
N ILE A 158 -9.73 -4.50 -19.82
CA ILE A 158 -9.74 -3.04 -19.68
C ILE A 158 -8.38 -2.54 -19.24
N VAL A 159 -7.83 -1.58 -19.97
CA VAL A 159 -6.55 -0.95 -19.61
C VAL A 159 -6.60 -0.19 -18.28
N ASN A 160 -5.56 -0.39 -17.47
CA ASN A 160 -5.42 0.25 -16.15
C ASN A 160 -4.36 1.36 -16.20
N ASP A 161 -4.04 1.93 -15.04
CA ASP A 161 -3.07 3.02 -14.93
C ASP A 161 -1.67 2.62 -15.38
N ALA A 162 -1.18 1.51 -14.86
CA ALA A 162 0.16 1.02 -15.18
C ALA A 162 0.34 0.82 -16.68
N LEU A 163 -0.57 0.06 -17.29
CA LEU A 163 -0.50 -0.24 -18.72
C LEU A 163 -0.64 1.03 -19.57
N ALA A 164 -1.63 1.86 -19.27
CA ALA A 164 -1.83 3.13 -19.99
C ALA A 164 -0.61 4.04 -19.92
N ASP A 165 -0.11 4.25 -18.70
CA ASP A 165 1.03 5.12 -18.46
C ASP A 165 2.26 4.65 -19.21
N ASP A 166 2.48 3.33 -19.21
CA ASP A 166 3.64 2.74 -19.86
C ASP A 166 3.49 2.77 -21.36
N LEU A 167 2.25 2.71 -21.83
CA LEU A 167 1.97 2.86 -23.25
C LEU A 167 2.28 4.27 -23.72
N LYS A 168 1.82 5.27 -22.96
CA LYS A 168 2.11 6.66 -23.28
C LYS A 168 3.60 6.98 -23.21
N THR A 169 4.27 6.50 -22.17
CA THR A 169 5.67 6.85 -21.97
C THR A 169 6.61 6.09 -22.91
N TYR A 170 6.52 4.76 -22.89
CA TYR A 170 7.53 3.94 -23.55
C TYR A 170 7.15 3.54 -24.97
N GLY A 171 5.88 3.27 -25.16
CA GLY A 171 5.39 2.79 -26.44
C GLY A 171 5.40 3.83 -27.54
N SER A 172 5.71 5.07 -27.20
CA SER A 172 5.54 6.18 -28.12
C SER A 172 6.62 6.30 -29.19
N GLU A 173 7.85 5.95 -28.82
CA GLU A 173 8.96 5.89 -29.77
C GLU A 173 8.87 4.70 -30.72
N VAL A 174 8.50 3.56 -30.15
CA VAL A 174 8.83 2.27 -30.76
C VAL A 174 7.65 1.36 -31.15
N LEU A 175 6.45 1.63 -30.61
CA LEU A 175 5.25 0.88 -31.04
C LEU A 175 4.57 1.42 -32.32
N PRO A 176 4.31 2.75 -32.41
CA PRO A 176 3.42 3.26 -33.47
C PRO A 176 4.07 3.32 -34.84
N ASN A 177 5.39 3.20 -34.88
CA ASN A 177 6.16 3.22 -36.12
C ASN A 177 6.17 1.87 -36.85
N HIS A 178 5.55 0.85 -36.25
CA HIS A 178 5.38 -0.46 -36.89
C HIS A 178 3.91 -0.83 -36.99
N GLU A 179 3.45 -1.03 -38.22
CA GLU A 179 2.04 -1.17 -38.56
C GLU A 179 1.27 -2.20 -37.75
N ASN A 180 1.85 -3.38 -37.59
CA ASN A 180 1.19 -4.45 -36.82
C ASN A 180 1.13 -4.17 -35.32
N SER A 181 2.20 -3.59 -34.77
CA SER A 181 2.21 -3.13 -33.38
C SER A 181 1.13 -2.07 -33.16
N LYS A 182 1.17 -1.04 -34.00
CA LYS A 182 0.19 0.02 -34.06
C LYS A 182 -1.21 -0.56 -33.92
N ALA A 183 -1.56 -1.43 -34.85
CA ALA A 183 -2.91 -2.01 -34.96
C ALA A 183 -3.38 -2.64 -33.65
N ILE A 184 -2.46 -3.24 -32.90
CA ILE A 184 -2.80 -3.87 -31.63
C ILE A 184 -2.92 -2.83 -30.52
N PHE A 185 -1.89 -1.99 -30.38
CA PHE A 185 -1.72 -1.16 -29.20
C PHE A 185 -2.17 0.31 -29.29
N TRP A 186 -2.37 0.80 -30.51
CA TRP A 186 -2.88 2.14 -30.75
C TRP A 186 -4.33 2.05 -31.24
N LYS A 187 -5.10 3.12 -31.00
CA LYS A 187 -6.42 3.25 -31.58
C LYS A 187 -6.70 4.72 -31.81
N GLU A 188 -7.10 5.04 -33.04
CA GLU A 188 -7.42 6.41 -33.43
C GLU A 188 -6.27 7.38 -33.13
N GLY A 189 -5.07 6.99 -33.57
CA GLY A 189 -3.89 7.86 -33.53
C GLY A 189 -3.16 7.99 -32.22
N GLU A 190 -3.71 7.40 -31.16
CA GLU A 190 -3.18 7.56 -29.81
C GLU A 190 -2.96 6.18 -29.16
N PRO A 191 -2.05 6.10 -28.17
CA PRO A 191 -1.98 4.91 -27.34
C PRO A 191 -3.28 4.72 -26.59
N LEU A 192 -3.66 3.46 -26.35
CA LEU A 192 -4.86 3.17 -25.58
C LEU A 192 -4.71 3.86 -24.25
N LYS A 193 -5.82 4.27 -23.65
CA LYS A 193 -5.75 4.94 -22.36
C LYS A 193 -6.57 4.15 -21.36
N LYS A 194 -6.48 4.57 -20.09
CA LYS A 194 -7.25 3.95 -19.01
C LYS A 194 -8.72 3.87 -19.38
N GLY A 195 -9.32 2.70 -19.20
CA GLY A 195 -10.72 2.48 -19.55
C GLY A 195 -10.95 1.76 -20.87
N ASP A 196 -9.99 1.89 -21.80
CA ASP A 196 -10.09 1.24 -23.10
C ASP A 196 -9.92 -0.29 -22.98
N THR A 197 -10.46 -1.03 -23.96
CA THR A 197 -10.40 -2.47 -23.97
C THR A 197 -9.29 -2.87 -24.93
N LEU A 198 -8.24 -3.49 -24.42
CA LEU A 198 -7.22 -4.07 -25.28
C LEU A 198 -7.57 -5.51 -25.65
N VAL A 199 -8.06 -5.68 -26.87
CA VAL A 199 -8.29 -6.99 -27.46
C VAL A 199 -7.02 -7.31 -28.22
N GLN A 200 -6.57 -8.56 -28.13
CA GLN A 200 -5.37 -9.02 -28.85
C GLN A 200 -5.63 -10.31 -29.64
N ALA A 201 -6.25 -10.16 -30.81
CA ALA A 201 -6.77 -11.30 -31.59
C ALA A 201 -5.70 -12.20 -32.22
N ASN A 202 -4.64 -11.60 -32.76
CA ASN A 202 -3.51 -12.35 -33.29
C ASN A 202 -2.82 -13.21 -32.23
N LEU A 203 -2.68 -12.65 -31.02
CA LEU A 203 -2.13 -13.35 -29.87
C LEU A 203 -3.06 -14.49 -29.46
N ALA A 204 -4.36 -14.22 -29.43
CA ALA A 204 -5.36 -15.26 -29.17
C ALA A 204 -5.06 -16.51 -30.00
N LYS A 205 -4.80 -16.30 -31.29
CA LYS A 205 -4.53 -17.39 -32.24
C LYS A 205 -3.24 -18.11 -31.89
N SER A 206 -2.19 -17.34 -31.61
CA SER A 206 -0.91 -17.88 -31.18
C SER A 206 -1.08 -18.75 -29.95
N LEU A 207 -1.82 -18.22 -28.97
CA LEU A 207 -2.10 -18.93 -27.74
C LEU A 207 -2.96 -20.17 -27.96
N GLU A 208 -3.90 -20.08 -28.91
CA GLU A 208 -4.76 -21.21 -29.23
C GLU A 208 -3.97 -22.34 -29.90
N MET A 209 -2.95 -21.95 -30.68
CA MET A 209 -2.10 -22.90 -31.40
C MET A 209 -1.20 -23.67 -30.46
N ILE A 210 -0.51 -22.95 -29.57
CA ILE A 210 0.39 -23.51 -28.56
C ILE A 210 -0.38 -24.45 -27.63
N ALA A 211 -1.59 -24.04 -27.23
CA ALA A 211 -2.48 -24.90 -26.46
C ALA A 211 -2.68 -26.23 -27.19
N GLU A 212 -2.99 -26.13 -28.48
CA GLU A 212 -3.32 -27.27 -29.35
C GLU A 212 -2.13 -28.18 -29.63
N ASN A 213 -1.05 -27.60 -30.16
CA ASN A 213 0.05 -28.39 -30.72
C ASN A 213 1.27 -28.52 -29.82
N GLY A 214 1.20 -27.90 -28.64
CA GLY A 214 2.33 -27.86 -27.71
C GLY A 214 3.33 -26.77 -28.10
N PRO A 215 4.47 -26.72 -27.39
CA PRO A 215 5.51 -25.71 -27.59
C PRO A 215 6.12 -25.67 -29.00
N ASP A 216 6.01 -26.76 -29.75
CA ASP A 216 6.57 -26.84 -31.09
C ASP A 216 6.00 -25.79 -32.07
N GLU A 217 4.76 -25.35 -31.84
CA GLU A 217 4.19 -24.23 -32.59
C GLU A 217 5.11 -23.01 -32.63
N PHE A 218 5.71 -22.70 -31.49
CA PHE A 218 6.59 -21.54 -31.36
C PHE A 218 7.91 -21.76 -32.09
N TYR A 219 8.41 -23.00 -32.05
CA TYR A 219 9.77 -23.27 -32.50
C TYR A 219 9.86 -23.93 -33.88
N LYS A 220 8.76 -24.53 -34.33
CA LYS A 220 8.74 -25.26 -35.61
C LYS A 220 7.50 -25.00 -36.45
N GLY A 221 6.53 -24.27 -35.89
CA GLY A 221 5.25 -24.04 -36.58
C GLY A 221 4.99 -22.65 -37.14
N THR A 222 3.71 -22.28 -37.20
CA THR A 222 3.26 -21.01 -37.75
C THR A 222 3.95 -19.80 -37.08
N ILE A 223 4.04 -19.83 -35.76
CA ILE A 223 4.76 -18.79 -35.02
C ILE A 223 6.24 -18.72 -35.42
N ALA A 224 6.89 -19.87 -35.52
CA ALA A 224 8.29 -19.92 -35.97
C ALA A 224 8.47 -19.24 -37.32
N GLU A 225 7.63 -19.61 -38.29
CA GLU A 225 7.71 -18.97 -39.60
C GLU A 225 7.31 -17.50 -39.52
N GLN A 226 6.33 -17.19 -38.68
CA GLN A 226 5.93 -15.80 -38.45
C GLN A 226 7.11 -14.98 -37.89
N ILE A 227 7.78 -15.52 -36.87
CA ILE A 227 8.95 -14.87 -36.27
C ILE A 227 10.05 -14.70 -37.31
N ALA A 228 10.36 -15.79 -38.01
CA ALA A 228 11.39 -15.80 -39.05
C ALA A 228 11.08 -14.86 -40.21
N GLN A 229 9.82 -14.80 -40.63
CA GLN A 229 9.43 -13.96 -41.75
C GLN A 229 9.23 -12.48 -41.39
N GLU A 230 9.23 -12.17 -40.09
CA GLU A 230 9.25 -10.77 -39.65
C GLU A 230 10.69 -10.34 -39.36
N MET A 231 11.52 -11.35 -39.10
CA MET A 231 12.94 -11.19 -38.89
C MET A 231 13.59 -10.95 -40.24
N GLN A 232 13.11 -11.67 -41.25
CA GLN A 232 13.65 -11.58 -42.59
C GLN A 232 13.21 -10.31 -43.29
N LYS A 233 11.99 -9.85 -42.98
CA LYS A 233 11.46 -8.59 -43.51
C LYS A 233 12.40 -7.42 -43.20
N ASN A 234 12.43 -6.99 -41.94
CA ASN A 234 13.39 -5.98 -41.49
C ASN A 234 14.76 -6.61 -41.20
N GLY A 235 15.60 -5.94 -40.41
CA GLY A 235 16.98 -6.39 -40.16
C GLY A 235 17.06 -7.84 -39.75
N GLY A 236 17.00 -8.08 -38.44
CA GLY A 236 16.78 -9.42 -37.86
C GLY A 236 17.85 -10.48 -38.10
N LEU A 237 17.99 -11.41 -37.17
CA LEU A 237 19.07 -12.40 -37.26
C LEU A 237 18.70 -13.87 -37.02
N ILE A 238 17.65 -14.14 -36.27
CA ILE A 238 17.37 -15.53 -35.91
C ILE A 238 16.62 -16.29 -37.02
N THR A 239 17.21 -17.39 -37.45
CA THR A 239 16.62 -18.24 -38.49
C THR A 239 15.59 -19.19 -37.89
N LYS A 240 14.90 -19.95 -38.74
CA LYS A 240 14.05 -21.02 -38.28
C LYS A 240 14.94 -22.07 -37.60
N GLU A 241 16.24 -22.01 -37.91
CA GLU A 241 17.23 -22.95 -37.39
C GLU A 241 17.55 -22.61 -35.95
N ASP A 242 17.77 -21.33 -35.68
CA ASP A 242 17.92 -20.85 -34.30
C ASP A 242 16.71 -21.29 -33.47
N LEU A 243 15.50 -21.08 -34.00
CA LEU A 243 14.26 -21.45 -33.29
C LEU A 243 14.12 -22.94 -33.03
N ALA A 244 14.43 -23.76 -34.04
CA ALA A 244 14.37 -25.22 -33.91
C ALA A 244 15.42 -25.74 -32.92
N ALA A 245 16.46 -24.94 -32.69
CA ALA A 245 17.58 -25.38 -31.87
C ALA A 245 17.53 -24.85 -30.42
N TYR A 246 16.44 -24.20 -30.04
CA TYR A 246 16.33 -23.65 -28.70
C TYR A 246 15.80 -24.64 -27.67
N LYS A 247 16.49 -24.69 -26.53
CA LYS A 247 16.02 -25.42 -25.37
C LYS A 247 16.28 -24.58 -24.13
N ALA A 248 15.41 -24.74 -23.15
CA ALA A 248 15.67 -24.23 -21.82
C ALA A 248 16.57 -25.24 -21.15
N VAL A 249 17.31 -24.81 -20.15
CA VAL A 249 18.25 -25.68 -19.49
C VAL A 249 18.03 -25.65 -18.00
N GLU A 250 17.95 -26.82 -17.42
CA GLU A 250 17.86 -26.94 -15.99
C GLU A 250 19.26 -26.84 -15.41
N ARG A 251 19.40 -26.05 -14.35
CA ARG A 251 20.71 -25.81 -13.74
C ARG A 251 20.64 -25.96 -12.25
N THR A 252 21.81 -26.17 -11.68
CA THR A 252 21.94 -26.30 -10.25
C THR A 252 21.83 -24.92 -9.61
N PRO A 253 20.89 -24.74 -8.68
CA PRO A 253 20.79 -23.46 -7.98
C PRO A 253 22.04 -23.15 -7.18
N ILE A 254 22.41 -21.87 -7.15
CA ILE A 254 23.41 -21.36 -6.21
C ILE A 254 22.79 -21.41 -4.81
N SER A 255 23.54 -21.91 -3.84
CA SER A 255 23.02 -22.01 -2.48
C SER A 255 24.02 -21.50 -1.47
N GLY A 256 23.48 -20.88 -0.43
CA GLY A 256 24.28 -20.43 0.68
C GLY A 256 23.56 -20.60 1.98
N ASP A 257 24.27 -20.29 3.05
CA ASP A 257 23.74 -20.43 4.38
C ASP A 257 23.89 -19.10 5.09
N TYR A 258 22.79 -18.62 5.64
CA TYR A 258 22.79 -17.34 6.32
C TYR A 258 22.06 -17.52 7.63
N ARG A 259 22.82 -17.58 8.70
CA ARG A 259 22.30 -17.76 10.07
C ARG A 259 21.34 -18.95 10.21
N GLY A 260 21.68 -20.10 9.62
CA GLY A 260 20.82 -21.29 9.68
C GLY A 260 19.72 -21.35 8.63
N TYR A 261 19.53 -20.27 7.88
CA TYR A 261 18.60 -20.26 6.77
C TYR A 261 19.36 -20.73 5.53
N GLN A 262 18.66 -21.40 4.62
CA GLN A 262 19.23 -21.71 3.31
C GLN A 262 18.70 -20.76 2.26
N VAL A 263 19.57 -20.31 1.37
CA VAL A 263 19.21 -19.32 0.36
C VAL A 263 19.57 -19.88 -1.00
N TYR A 264 18.55 -20.10 -1.82
CA TYR A 264 18.70 -20.58 -3.19
C TYR A 264 18.40 -19.45 -4.17
N SER A 265 19.18 -19.39 -5.24
CA SER A 265 19.03 -18.35 -6.25
C SER A 265 19.54 -18.81 -7.62
N MET A 266 19.47 -17.93 -8.61
CA MET A 266 19.75 -18.32 -9.99
C MET A 266 21.26 -18.28 -10.29
N PRO A 267 21.77 -19.34 -10.92
CA PRO A 267 23.15 -19.44 -11.37
C PRO A 267 23.41 -18.60 -12.62
N PRO A 268 24.68 -18.49 -13.03
CA PRO A 268 24.92 -18.04 -14.39
C PRO A 268 23.95 -18.75 -15.35
N PRO A 269 23.32 -18.00 -16.26
CA PRO A 269 23.66 -16.62 -16.64
C PRO A 269 22.95 -15.52 -15.84
N SER A 270 22.51 -15.82 -14.61
CA SER A 270 22.28 -14.72 -13.66
C SER A 270 23.62 -14.18 -13.25
N SER A 271 23.75 -12.87 -13.33
CA SER A 271 24.92 -12.19 -12.79
C SER A 271 24.71 -11.86 -11.32
N GLY A 272 23.57 -12.28 -10.75
CA GLY A 272 23.16 -11.87 -9.40
C GLY A 272 23.06 -12.95 -8.33
N GLY A 273 22.59 -14.12 -8.72
CA GLY A 273 22.52 -15.26 -7.79
C GLY A 273 23.76 -15.36 -6.92
N ILE A 274 24.90 -15.63 -7.56
CA ILE A 274 26.18 -15.75 -6.87
C ILE A 274 26.42 -14.62 -5.86
N HIS A 275 26.14 -13.39 -6.30
CA HIS A 275 26.53 -12.22 -5.54
C HIS A 275 25.56 -11.82 -4.42
N ILE A 276 24.35 -12.32 -4.44
CA ILE A 276 23.44 -12.19 -3.30
C ILE A 276 23.95 -13.02 -2.13
N VAL A 277 24.47 -14.22 -2.46
CA VAL A 277 25.08 -15.10 -1.47
C VAL A 277 26.42 -14.53 -0.97
N GLN A 278 27.26 -14.07 -1.90
CA GLN A 278 28.55 -13.51 -1.52
C GLN A 278 28.33 -12.37 -0.52
N ILE A 279 27.36 -11.48 -0.79
CA ILE A 279 27.05 -10.37 0.12
C ILE A 279 26.50 -10.87 1.45
N LEU A 280 25.59 -11.86 1.40
CA LEU A 280 25.04 -12.42 2.64
C LEU A 280 26.18 -13.00 3.48
N ASN A 281 27.01 -13.85 2.87
CA ASN A 281 28.20 -14.38 3.55
C ASN A 281 29.04 -13.30 4.21
N ILE A 282 29.26 -12.19 3.50
CA ILE A 282 29.99 -11.07 4.08
C ILE A 282 29.22 -10.57 5.29
N LEU A 283 27.92 -10.35 5.12
CA LEU A 283 27.09 -9.76 6.17
C LEU A 283 26.98 -10.59 7.44
N GLU A 284 27.20 -11.90 7.33
CA GLU A 284 27.01 -12.82 8.44
C GLU A 284 28.04 -12.57 9.51
N ASN A 285 29.21 -12.07 9.11
CA ASN A 285 30.28 -11.73 10.05
C ASN A 285 29.95 -10.55 10.96
N PHE A 286 28.76 -9.95 10.77
CA PHE A 286 28.31 -8.83 11.58
C PHE A 286 27.04 -9.14 12.36
N ASP A 287 26.84 -8.46 13.50
CA ASP A 287 25.57 -8.53 14.23
C ASP A 287 24.63 -7.45 13.67
N MET A 288 23.95 -7.79 12.58
CA MET A 288 23.06 -6.87 11.88
C MET A 288 21.89 -6.43 12.73
N LYS A 289 21.21 -7.39 13.34
CA LYS A 289 20.09 -7.12 14.25
C LYS A 289 20.42 -6.00 15.25
N LYS A 290 21.57 -6.12 15.92
CA LYS A 290 22.12 -5.04 16.72
C LYS A 290 22.40 -3.88 15.77
N TYR A 291 21.89 -2.69 16.09
CA TYR A 291 21.63 -1.64 15.09
C TYR A 291 20.65 -2.10 14.02
N GLY A 292 19.41 -1.62 14.12
CA GLY A 292 18.34 -2.13 13.29
C GLY A 292 18.36 -1.66 11.85
N PHE A 293 17.18 -1.71 11.23
CA PHE A 293 16.96 -1.10 9.95
C PHE A 293 17.29 0.39 9.97
N GLY A 294 17.88 0.88 8.87
CA GLY A 294 18.03 2.31 8.63
C GLY A 294 19.13 3.02 9.40
N SER A 295 19.93 2.28 10.16
CA SER A 295 21.04 2.86 10.92
C SER A 295 22.28 3.04 10.06
N ALA A 296 23.07 4.07 10.39
CA ALA A 296 24.29 4.37 9.65
C ALA A 296 25.26 3.18 9.66
N ASP A 297 25.52 2.64 10.85
CA ASP A 297 26.36 1.45 10.97
C ASP A 297 25.97 0.36 9.96
N ALA A 298 24.71 -0.10 10.01
CA ALA A 298 24.22 -1.18 9.18
C ALA A 298 24.26 -0.85 7.70
N MET A 299 23.90 0.39 7.37
CA MET A 299 23.92 0.84 5.98
C MET A 299 25.34 0.96 5.45
N GLN A 300 26.28 1.27 6.34
CA GLN A 300 27.68 1.32 5.96
C GLN A 300 28.22 -0.09 5.65
N ILE A 301 27.91 -1.05 6.53
CA ILE A 301 28.39 -2.42 6.33
C ILE A 301 27.90 -2.92 4.97
N MET A 302 26.58 -3.01 4.81
CA MET A 302 25.96 -3.43 3.54
C MET A 302 26.48 -2.68 2.31
N ALA A 303 26.61 -1.35 2.40
CA ALA A 303 27.13 -0.59 1.27
C ALA A 303 28.55 -1.06 0.92
N GLU A 304 29.42 -1.07 1.92
CA GLU A 304 30.80 -1.52 1.72
C GLU A 304 30.86 -2.96 1.23
N ALA A 305 30.05 -3.83 1.83
CA ALA A 305 30.01 -5.24 1.46
C ALA A 305 29.57 -5.40 -0.01
N GLU A 306 28.46 -4.76 -0.36
CA GLU A 306 27.99 -4.66 -1.76
C GLU A 306 29.09 -4.15 -2.70
N LYS A 307 29.69 -3.01 -2.35
CA LYS A 307 30.79 -2.43 -3.14
C LYS A 307 31.85 -3.47 -3.52
N TYR A 308 32.36 -4.18 -2.51
CA TYR A 308 33.29 -5.28 -2.74
C TYR A 308 32.76 -6.34 -3.72
N ALA A 309 31.56 -6.86 -3.44
CA ALA A 309 31.00 -7.93 -4.27
C ALA A 309 30.79 -7.47 -5.71
N TYR A 310 30.31 -6.24 -5.86
CA TYR A 310 30.16 -5.62 -7.16
C TYR A 310 31.51 -5.46 -7.87
N ALA A 311 32.55 -5.17 -7.09
CA ALA A 311 33.90 -5.09 -7.63
C ALA A 311 34.38 -6.44 -8.17
N ASP A 312 33.99 -7.52 -7.51
CA ASP A 312 34.35 -8.88 -7.97
C ASP A 312 33.52 -9.33 -9.18
N ARG A 313 32.25 -8.95 -9.18
CA ARG A 313 31.32 -9.24 -10.27
C ARG A 313 31.80 -8.63 -11.59
N SER A 314 32.53 -7.51 -11.48
CA SER A 314 33.06 -6.77 -12.62
C SER A 314 33.83 -7.62 -13.65
N GLU A 315 34.55 -8.61 -13.14
CA GLU A 315 35.45 -9.41 -13.98
C GLU A 315 34.68 -10.40 -14.86
N TYR A 316 33.46 -10.74 -14.44
CA TYR A 316 32.61 -11.67 -15.19
C TYR A 316 31.66 -10.96 -16.16
N LEU A 317 31.58 -9.63 -16.07
CA LEU A 317 30.75 -8.78 -16.94
C LEU A 317 29.38 -8.51 -16.30
N VAL A 325 39.95 -18.64 -11.82
CA VAL A 325 39.22 -17.72 -10.95
C VAL A 325 37.70 -17.98 -10.90
N PRO A 326 37.27 -19.26 -10.90
CA PRO A 326 35.89 -19.60 -11.30
C PRO A 326 34.80 -18.75 -10.65
N TRP A 327 33.75 -18.43 -11.42
CA TRP A 327 32.69 -17.53 -10.95
C TRP A 327 32.10 -18.06 -9.65
N GLN A 328 31.87 -19.36 -9.61
CA GLN A 328 31.31 -20.01 -8.42
C GLN A 328 32.13 -19.71 -7.17
N ALA A 329 33.45 -19.66 -7.32
CA ALA A 329 34.37 -19.58 -6.18
C ALA A 329 33.99 -18.56 -5.11
N LEU A 330 33.57 -17.37 -5.54
CA LEU A 330 33.38 -16.28 -4.58
C LEU A 330 32.07 -16.35 -3.81
N THR A 331 31.44 -17.52 -3.85
CA THR A 331 30.37 -17.84 -2.93
C THR A 331 31.00 -18.42 -1.64
N ASN A 332 32.33 -18.57 -1.67
CA ASN A 332 33.14 -19.07 -0.55
C ASN A 332 32.99 -18.25 0.74
N LYS A 333 32.60 -18.92 1.82
CA LYS A 333 32.44 -18.27 3.14
C LYS A 333 33.75 -17.71 3.69
N ALA A 334 34.84 -18.48 3.56
CA ALA A 334 36.15 -18.04 4.04
C ALA A 334 36.61 -16.77 3.33
N TYR A 335 36.48 -16.74 2.00
CA TYR A 335 36.83 -15.55 1.23
C TYR A 335 35.96 -14.34 1.63
N ALA A 336 34.70 -14.58 1.97
CA ALA A 336 33.82 -13.50 2.41
C ALA A 336 34.29 -12.89 3.73
N LYS A 337 34.71 -13.75 4.65
CA LYS A 337 35.28 -13.30 5.91
C LYS A 337 36.51 -12.41 5.65
N SER A 338 37.34 -12.81 4.67
CA SER A 338 38.55 -12.05 4.33
C SER A 338 38.23 -10.61 3.96
N ILE A 339 37.18 -10.43 3.16
CA ILE A 339 36.74 -9.07 2.82
C ILE A 339 35.87 -8.42 3.92
N ALA A 340 35.23 -9.23 4.75
CA ALA A 340 34.53 -8.71 5.92
C ALA A 340 35.52 -8.06 6.91
N ASP A 341 36.68 -8.68 7.06
CA ASP A 341 37.73 -8.18 7.96
C ASP A 341 38.30 -6.85 7.52
N GLN A 342 38.24 -6.58 6.22
CA GLN A 342 38.72 -5.33 5.63
C GLN A 342 37.77 -4.16 5.90
N ILE A 343 36.47 -4.45 5.85
CA ILE A 343 35.43 -3.42 6.03
C ILE A 343 35.62 -2.57 7.28
N ASP A 344 35.60 -1.26 7.07
CA ASP A 344 35.70 -0.30 8.14
C ASP A 344 34.34 0.34 8.34
N ILE A 345 33.81 0.19 9.56
CA ILE A 345 32.54 0.77 9.98
C ILE A 345 32.57 2.31 9.95
N ASN A 346 33.77 2.86 10.08
CA ASN A 346 33.96 4.32 10.20
C ASN A 346 34.53 4.99 8.97
N LYS A 347 34.94 4.18 7.99
CA LYS A 347 35.52 4.74 6.77
C LYS A 347 35.15 3.88 5.58
N ALA A 348 34.51 4.51 4.60
CA ALA A 348 34.33 3.94 3.28
C ALA A 348 35.68 3.87 2.59
N LYS A 349 35.89 2.82 1.81
CA LYS A 349 37.07 2.79 0.96
C LYS A 349 36.70 3.14 -0.49
N PRO A 350 37.44 4.07 -1.10
CA PRO A 350 37.21 4.46 -2.49
C PRO A 350 37.17 3.26 -3.44
N SER A 351 36.16 3.24 -4.29
CA SER A 351 35.99 2.20 -5.30
C SER A 351 37.21 2.05 -6.21
N SER A 352 37.85 3.17 -6.55
CA SER A 352 39.09 3.12 -7.33
C SER A 352 40.22 2.34 -6.63
N GLU A 353 40.28 2.40 -5.30
CA GLU A 353 41.34 1.73 -4.52
C GLU A 353 41.16 0.21 -4.37
N ILE A 354 39.94 -0.29 -4.58
CA ILE A 354 39.69 -1.74 -4.59
C ILE A 354 40.25 -2.39 -5.87
N ARG A 355 39.86 -1.84 -7.01
CA ARG A 355 40.22 -2.35 -8.35
C ARG A 355 40.03 -1.22 -9.36
N PRO A 356 40.63 -1.34 -10.57
CA PRO A 356 40.58 -0.24 -11.54
C PRO A 356 39.17 0.28 -11.86
N GLY A 357 38.44 -0.39 -12.75
CA GLY A 357 37.11 0.07 -13.14
C GLY A 357 36.82 -0.07 -14.62
N ALA A 360 30.71 -1.58 -16.24
CA ALA A 360 29.78 -2.67 -16.51
C ALA A 360 28.81 -2.28 -17.63
N PRO A 361 28.60 -3.19 -18.60
CA PRO A 361 27.73 -2.92 -19.76
C PRO A 361 26.27 -2.65 -19.38
N TYR A 362 25.57 -1.87 -20.20
CA TYR A 362 24.18 -1.47 -19.96
C TYR A 362 23.28 -2.65 -19.59
N GLU A 363 22.29 -2.39 -18.74
CA GLU A 363 21.27 -3.38 -18.41
C GLU A 363 19.98 -2.68 -18.02
N SER A 364 18.87 -3.13 -18.59
CA SER A 364 17.57 -2.52 -18.35
C SER A 364 17.06 -2.78 -16.93
N ASN A 365 16.47 -1.75 -16.34
CA ASN A 365 15.67 -1.91 -15.13
C ASN A 365 14.37 -2.67 -15.39
N GLN A 366 14.08 -2.98 -16.66
CA GLN A 366 12.80 -3.56 -17.06
C GLN A 366 12.80 -5.09 -17.15
N ALA A 367 11.81 -5.67 -16.48
CA ALA A 367 11.62 -7.10 -16.28
C ALA A 367 10.41 -7.21 -15.36
N THR A 368 9.99 -8.43 -15.01
CA THR A 368 8.89 -8.56 -14.05
C THR A 368 9.00 -9.82 -13.23
N HIS A 369 8.66 -9.73 -11.95
CA HIS A 369 8.75 -10.88 -11.04
C HIS A 369 7.41 -11.26 -10.42
N TYR A 370 7.17 -12.56 -10.33
CA TYR A 370 6.04 -13.06 -9.57
C TYR A 370 6.42 -14.30 -8.73
N SER A 371 5.62 -14.59 -7.70
CA SER A 371 5.89 -15.69 -6.77
C SER A 371 4.60 -16.45 -6.52
N VAL A 372 4.73 -17.75 -6.26
CA VAL A 372 3.61 -18.66 -6.21
C VAL A 372 3.91 -19.69 -5.13
N VAL A 373 2.94 -19.93 -4.27
CA VAL A 373 3.05 -21.02 -3.30
C VAL A 373 1.71 -21.74 -3.25
N ASP A 374 1.71 -23.05 -3.55
CA ASP A 374 0.49 -23.84 -3.46
C ASP A 374 0.24 -24.38 -2.04
N LYS A 375 -0.90 -25.07 -1.86
CA LYS A 375 -1.31 -25.58 -0.56
C LYS A 375 -0.44 -26.77 -0.12
N ASP A 376 0.19 -27.43 -1.07
CA ASP A 376 1.09 -28.55 -0.73
C ASP A 376 2.45 -28.02 -0.28
N GLY A 377 2.72 -26.76 -0.57
CA GLY A 377 3.97 -26.17 -0.13
C GLY A 377 5.01 -26.03 -1.22
N ASN A 378 4.65 -26.34 -2.46
CA ASN A 378 5.57 -26.09 -3.57
C ASN A 378 5.60 -24.59 -3.79
N ALA A 379 6.76 -24.10 -4.18
CA ALA A 379 6.95 -22.67 -4.34
C ALA A 379 7.68 -22.43 -5.63
N VAL A 380 7.26 -21.40 -6.35
CA VAL A 380 7.93 -21.04 -7.60
C VAL A 380 8.24 -19.54 -7.57
N ALA A 381 9.41 -19.18 -8.10
CA ALA A 381 9.78 -17.79 -8.35
C ALA A 381 10.17 -17.66 -9.81
N VAL A 382 9.53 -16.74 -10.52
CA VAL A 382 9.86 -16.46 -11.92
C VAL A 382 10.18 -15.00 -12.09
N THR A 383 11.23 -14.72 -12.85
CA THR A 383 11.51 -13.35 -13.29
C THR A 383 11.82 -13.42 -14.77
N TYR A 384 11.12 -12.64 -15.57
CA TYR A 384 11.29 -12.68 -17.03
C TYR A 384 11.10 -11.32 -17.73
N THR A 385 11.50 -11.25 -19.00
CA THR A 385 11.71 -9.96 -19.64
C THR A 385 11.85 -10.04 -21.16
N LEU A 386 11.50 -8.94 -21.83
CA LEU A 386 12.10 -8.58 -23.12
C LEU A 386 13.19 -7.63 -22.62
N ASN A 387 14.13 -7.17 -23.43
CA ASN A 387 15.13 -6.29 -22.82
C ASN A 387 14.45 -5.05 -22.22
N THR A 388 14.20 -4.05 -23.07
CA THR A 388 13.53 -2.83 -22.64
C THR A 388 12.00 -2.95 -22.73
N THR A 389 11.28 -1.97 -22.19
CA THR A 389 9.82 -2.01 -22.20
C THR A 389 9.31 -2.24 -23.62
N PHE A 390 8.49 -3.27 -23.78
CA PHE A 390 7.96 -3.68 -25.09
C PHE A 390 9.05 -4.15 -26.05
N GLY A 391 10.25 -4.37 -25.52
CA GLY A 391 11.35 -4.95 -26.29
C GLY A 391 11.78 -4.11 -27.49
N THR A 392 11.69 -4.69 -28.67
CA THR A 392 11.99 -4.00 -29.91
C THR A 392 10.82 -3.09 -30.25
N GLY A 393 9.66 -3.41 -29.68
CA GLY A 393 8.42 -2.78 -30.10
C GLY A 393 7.92 -3.34 -31.41
N ILE A 394 8.58 -4.38 -31.91
CA ILE A 394 8.16 -5.08 -33.13
C ILE A 394 7.47 -6.39 -32.79
N VAL A 395 6.21 -6.50 -33.22
CA VAL A 395 5.46 -7.73 -33.11
C VAL A 395 5.82 -8.64 -34.29
N ALA A 396 6.13 -9.90 -34.00
CA ALA A 396 6.55 -10.87 -35.02
C ALA A 396 5.42 -11.19 -35.98
N GLY A 397 5.34 -10.40 -37.05
CA GLY A 397 4.33 -10.59 -38.07
C GLY A 397 2.93 -10.58 -37.50
N GLU A 398 2.12 -11.53 -37.95
CA GLU A 398 0.72 -11.58 -37.58
C GLU A 398 0.45 -12.56 -36.41
N SER A 399 1.47 -12.78 -35.58
CA SER A 399 1.39 -13.61 -34.37
C SER A 399 0.79 -12.90 -33.16
N GLY A 400 0.91 -11.57 -33.15
CA GLY A 400 0.52 -10.76 -31.98
C GLY A 400 1.57 -10.72 -30.87
N ILE A 401 2.74 -11.30 -31.13
CA ILE A 401 3.78 -11.43 -30.10
C ILE A 401 4.91 -10.42 -30.29
N LEU A 402 5.27 -9.72 -29.21
CA LEU A 402 6.32 -8.70 -29.21
C LEU A 402 7.71 -9.32 -29.11
N LEU A 403 8.66 -8.79 -29.89
CA LEU A 403 10.04 -9.32 -29.94
C LEU A 403 11.01 -8.58 -29.02
N ASN A 404 11.79 -9.35 -28.26
CA ASN A 404 12.77 -8.81 -27.30
C ASN A 404 13.93 -8.11 -27.99
N ASN A 405 14.54 -7.15 -27.31
CA ASN A 405 15.74 -6.53 -27.88
C ASN A 405 16.99 -6.90 -27.09
N GLN A 406 17.25 -8.20 -26.98
CA GLN A 406 18.40 -8.69 -26.23
C GLN A 406 19.71 -8.46 -27.00
N MET A 407 20.12 -7.19 -27.01
CA MET A 407 21.45 -6.76 -27.46
C MET A 407 21.97 -5.69 -26.50
N ARG A 435 23.94 -16.60 -24.98
CA ARG A 435 23.00 -16.40 -23.88
C ARG A 435 23.44 -15.25 -22.94
N PRO A 436 22.89 -14.03 -23.14
CA PRO A 436 23.32 -12.84 -22.41
C PRO A 436 23.08 -12.86 -20.90
N LEU A 437 23.98 -12.21 -20.16
CA LEU A 437 23.88 -12.15 -18.71
C LEU A 437 22.72 -11.24 -18.28
N SER A 438 22.31 -11.40 -17.04
CA SER A 438 21.16 -10.71 -16.49
C SER A 438 21.30 -10.80 -14.99
N SER A 439 20.86 -9.76 -14.28
CA SER A 439 20.95 -9.74 -12.82
C SER A 439 19.71 -10.37 -12.21
N MET A 440 18.77 -10.80 -13.04
CA MET A 440 17.56 -11.45 -12.55
C MET A 440 17.87 -12.63 -11.61
N SER A 441 17.23 -12.62 -10.46
CA SER A 441 17.59 -13.51 -9.37
C SER A 441 16.38 -13.99 -8.57
N PRO A 442 15.47 -14.73 -9.21
CA PRO A 442 14.43 -15.41 -8.47
C PRO A 442 15.13 -16.10 -7.29
N THR A 443 14.63 -15.88 -6.08
CA THR A 443 15.29 -16.34 -4.88
C THR A 443 14.29 -16.95 -3.94
N ILE A 444 14.66 -18.10 -3.38
CA ILE A 444 13.88 -18.80 -2.38
C ILE A 444 14.73 -19.00 -1.12
N VAL A 445 14.19 -18.60 0.03
CA VAL A 445 14.83 -18.82 1.32
C VAL A 445 14.10 -19.92 2.09
N VAL A 446 14.87 -20.69 2.85
CA VAL A 446 14.37 -21.85 3.61
C VAL A 446 14.73 -21.71 5.08
N LYS A 447 13.72 -21.73 5.95
CA LYS A 447 13.93 -21.64 7.42
C LYS A 447 13.50 -22.91 8.13
N ASP A 448 14.25 -23.29 9.17
CA ASP A 448 13.98 -24.52 9.93
C ASP A 448 13.63 -25.72 9.02
N GLY A 449 14.26 -25.79 7.85
CA GLY A 449 14.01 -26.87 6.90
C GLY A 449 12.76 -26.76 6.03
N LYS A 450 12.20 -25.55 5.88
CA LYS A 450 10.99 -25.35 5.08
C LYS A 450 11.01 -24.06 4.29
N THR A 451 10.40 -24.08 3.11
CA THR A 451 10.29 -22.87 2.30
C THR A 451 9.68 -21.76 3.16
N TRP A 452 10.39 -20.63 3.22
CA TRP A 452 10.07 -19.58 4.15
C TRP A 452 9.86 -18.24 3.48
N LEU A 453 10.55 -18.02 2.37
CA LEU A 453 10.44 -16.77 1.63
C LEU A 453 10.75 -17.01 0.16
N VAL A 454 9.87 -16.49 -0.69
CA VAL A 454 9.99 -16.56 -2.13
C VAL A 454 9.92 -15.10 -2.56
N THR A 455 10.92 -14.63 -3.28
CA THR A 455 10.98 -13.21 -3.65
C THR A 455 11.78 -13.02 -4.93
N GLY A 456 11.97 -11.78 -5.35
CA GLY A 456 12.60 -11.45 -6.64
C GLY A 456 12.17 -10.05 -7.04
N SER A 457 12.79 -9.52 -8.10
CA SER A 457 12.53 -8.13 -8.51
C SER A 457 13.11 -7.91 -9.90
N PRO A 458 12.55 -6.95 -10.66
CA PRO A 458 13.30 -6.35 -11.76
C PRO A 458 14.11 -5.19 -11.24
N GLY A 459 14.96 -4.61 -12.09
CA GLY A 459 15.74 -3.41 -11.74
C GLY A 459 17.22 -3.47 -12.06
N GLY A 460 17.60 -4.25 -13.07
CA GLY A 460 18.98 -4.30 -13.55
C GLY A 460 19.88 -4.78 -12.43
N SER A 461 21.04 -4.16 -12.26
CA SER A 461 21.97 -4.55 -11.20
C SER A 461 21.38 -4.44 -9.79
N ARG A 462 20.41 -3.53 -9.64
CA ARG A 462 19.78 -3.22 -8.35
C ARG A 462 18.90 -4.36 -7.79
N ILE A 463 18.58 -5.33 -8.64
CA ILE A 463 17.92 -6.58 -8.25
C ILE A 463 18.69 -7.29 -7.14
N ILE A 464 20.01 -7.30 -7.28
CA ILE A 464 20.88 -7.92 -6.28
C ILE A 464 20.60 -7.33 -4.91
N THR A 465 20.69 -6.01 -4.81
CA THR A 465 20.53 -5.32 -3.53
C THR A 465 19.09 -5.28 -3.05
N THR A 466 18.15 -5.27 -3.97
CA THR A 466 16.73 -5.28 -3.59
C THR A 466 16.29 -6.62 -2.99
N VAL A 467 16.70 -7.71 -3.65
CA VAL A 467 16.42 -9.05 -3.15
C VAL A 467 17.14 -9.19 -1.80
N LEU A 468 18.36 -8.66 -1.76
CA LEU A 468 19.18 -8.74 -0.55
C LEU A 468 18.51 -8.10 0.66
N GLN A 469 17.85 -6.95 0.44
CA GLN A 469 17.26 -6.20 1.54
C GLN A 469 15.97 -6.86 2.03
N MET A 470 15.23 -7.48 1.11
CA MET A 470 14.09 -8.31 1.50
C MET A 470 14.52 -9.38 2.51
N VAL A 471 15.64 -10.04 2.20
CA VAL A 471 16.15 -11.16 2.96
C VAL A 471 16.67 -10.67 4.32
N VAL A 472 17.47 -9.61 4.28
CA VAL A 472 18.07 -8.99 5.46
C VAL A 472 16.98 -8.41 6.38
N ASN A 473 16.01 -7.68 5.82
CA ASN A 473 14.93 -7.09 6.62
C ASN A 473 14.05 -8.13 7.31
N SER A 474 13.90 -9.28 6.65
CA SER A 474 13.10 -10.38 7.20
C SER A 474 13.88 -11.19 8.24
N ILE A 475 15.17 -11.42 7.98
CA ILE A 475 15.97 -12.31 8.80
C ILE A 475 16.62 -11.57 9.97
N ASP A 476 17.20 -10.41 9.67
CA ASP A 476 17.93 -9.67 10.66
C ASP A 476 17.05 -8.72 11.47
N TYR A 477 16.12 -8.04 10.79
CA TYR A 477 15.34 -6.98 11.44
C TYR A 477 13.95 -7.41 11.95
N GLY A 478 13.51 -8.62 11.60
CA GLY A 478 12.27 -9.21 12.13
C GLY A 478 11.03 -8.61 11.49
N LEU A 479 11.22 -8.01 10.32
CA LEU A 479 10.15 -7.35 9.60
C LEU A 479 9.27 -8.37 8.89
N ASN A 480 7.95 -8.24 9.07
CA ASN A 480 7.00 -9.01 8.26
C ASN A 480 7.18 -8.71 6.77
N VAL A 481 6.65 -9.57 5.92
CA VAL A 481 6.91 -9.49 4.48
C VAL A 481 6.53 -8.13 3.88
N ALA A 482 5.40 -7.59 4.32
CA ALA A 482 4.94 -6.25 3.93
C ALA A 482 5.79 -5.08 4.44
N GLU A 483 6.41 -5.22 5.60
CA GLU A 483 7.30 -4.16 6.05
C GLU A 483 8.59 -4.17 5.25
N ALA A 484 9.07 -5.39 4.97
CA ALA A 484 10.32 -5.55 4.24
C ALA A 484 10.22 -4.90 2.87
N THR A 485 9.01 -4.98 2.31
CA THR A 485 8.70 -4.54 0.96
C THR A 485 8.58 -3.01 0.86
N ASN A 486 7.92 -2.41 1.85
CA ASN A 486 7.65 -0.96 1.90
C ASN A 486 8.77 -0.17 2.58
N ALA A 487 9.79 -0.88 3.06
CA ALA A 487 10.92 -0.23 3.70
C ALA A 487 11.73 0.53 2.66
N PRO A 488 12.31 1.69 3.04
CA PRO A 488 13.20 2.40 2.13
C PRO A 488 14.36 1.49 1.71
N ARG A 489 14.84 1.66 0.48
CA ARG A 489 15.91 0.84 -0.06
C ARG A 489 17.17 1.65 -0.30
N PHE A 490 18.33 1.00 -0.22
CA PHE A 490 19.61 1.62 -0.61
C PHE A 490 20.47 0.65 -1.41
N HIS A 491 21.64 1.11 -1.88
CA HIS A 491 22.31 0.43 -2.97
C HIS A 491 23.70 0.99 -3.29
N HIS A 492 24.68 0.12 -3.35
CA HIS A 492 26.03 0.49 -3.80
C HIS A 492 26.56 -0.56 -4.75
N GLN A 493 26.50 -0.27 -6.04
CA GLN A 493 27.34 -0.95 -7.01
C GLN A 493 28.65 -0.22 -6.93
N TRP A 494 29.77 -0.90 -7.09
CA TRP A 494 31.05 -0.22 -6.87
C TRP A 494 31.28 0.97 -7.82
N LEU A 495 30.93 0.80 -9.10
CA LEU A 495 30.90 1.92 -10.03
C LEU A 495 29.48 2.16 -10.57
N PRO A 496 28.97 3.40 -10.43
CA PRO A 496 29.68 4.53 -9.82
C PRO A 496 29.77 4.41 -8.31
N ASP A 497 30.82 5.00 -7.74
CA ASP A 497 31.05 5.04 -6.29
C ASP A 497 30.08 6.01 -5.63
N GLU A 498 28.90 5.51 -5.29
CA GLU A 498 27.87 6.31 -4.61
C GLU A 498 26.92 5.41 -3.83
N LEU A 499 26.53 5.86 -2.64
CA LEU A 499 25.55 5.14 -1.83
C LEU A 499 24.18 5.61 -2.27
N ARG A 500 23.60 4.94 -3.26
CA ARG A 500 22.28 5.28 -3.77
C ARG A 500 21.23 4.96 -2.71
N VAL A 501 20.30 5.90 -2.52
CA VAL A 501 19.18 5.78 -1.57
C VAL A 501 17.84 6.25 -2.15
N GLU A 502 16.75 5.73 -1.59
CA GLU A 502 15.39 6.22 -1.84
C GLU A 502 15.07 7.21 -0.74
N LYS A 503 13.88 7.83 -0.82
CA LYS A 503 13.43 8.74 0.22
C LYS A 503 13.13 7.92 1.47
N GLY A 504 13.25 8.55 2.63
CA GLY A 504 12.76 7.93 3.85
C GLY A 504 13.80 7.49 4.84
N PHE A 505 15.07 7.76 4.53
CA PHE A 505 16.14 7.59 5.50
C PHE A 505 16.35 8.90 6.27
N SER A 506 16.72 8.79 7.54
CA SER A 506 16.93 9.94 8.40
C SER A 506 18.12 10.76 7.92
N PRO A 507 17.93 12.07 7.75
CA PRO A 507 19.03 12.97 7.42
C PRO A 507 20.20 12.89 8.42
N ASP A 508 19.88 12.69 9.69
CA ASP A 508 20.90 12.44 10.70
C ASP A 508 21.79 11.31 10.24
N THR A 509 21.15 10.22 9.84
CA THR A 509 21.83 9.00 9.42
C THR A 509 22.56 9.21 8.11
N LEU A 510 21.93 9.92 7.19
CA LEU A 510 22.55 10.23 5.91
C LEU A 510 23.86 11.01 6.04
N LYS A 511 23.92 11.96 6.97
CA LYS A 511 25.12 12.78 7.16
C LYS A 511 26.23 12.00 7.85
N LEU A 512 25.84 11.05 8.70
CA LEU A 512 26.79 10.15 9.35
C LEU A 512 27.50 9.30 8.31
N LEU A 513 26.71 8.74 7.39
CA LEU A 513 27.24 8.03 6.21
C LEU A 513 28.15 8.93 5.38
N GLU A 514 27.77 10.20 5.26
CA GLU A 514 28.53 11.18 4.47
C GLU A 514 29.91 11.38 5.09
N ALA A 515 29.92 11.51 6.41
CA ALA A 515 31.14 11.67 7.20
C ALA A 515 32.05 10.45 7.07
N LYS A 516 31.48 9.30 6.74
CA LYS A 516 32.24 8.06 6.60
C LYS A 516 32.87 7.93 5.22
N GLY A 517 32.53 8.83 4.31
CA GLY A 517 33.11 8.82 2.98
C GLY A 517 32.21 8.21 1.94
N GLN A 518 30.91 8.15 2.25
CA GLN A 518 29.91 7.72 1.29
C GLN A 518 29.34 8.95 0.62
N LYS A 519 29.23 8.91 -0.70
CA LYS A 519 28.65 10.00 -1.47
C LYS A 519 27.17 9.70 -1.71
N VAL A 520 26.33 10.08 -0.75
CA VAL A 520 24.92 9.75 -0.76
C VAL A 520 24.21 10.39 -1.95
N ALA A 521 23.56 9.55 -2.75
CA ALA A 521 22.87 10.00 -3.97
C ALA A 521 21.39 9.57 -4.03
N LEU A 522 20.51 10.54 -3.84
CA LEU A 522 19.07 10.32 -3.85
C LEU A 522 18.56 10.18 -5.29
N LYS A 523 18.01 9.00 -5.62
CA LYS A 523 17.55 8.69 -6.98
C LYS A 523 16.20 7.95 -6.98
N GLU A 524 15.67 7.62 -8.16
CA GLU A 524 14.34 6.99 -8.28
C GLU A 524 14.20 5.63 -7.57
N ALA A 525 12.96 5.26 -7.22
CA ALA A 525 12.66 4.00 -6.53
C ALA A 525 13.21 2.78 -7.24
N MET A 526 13.62 1.78 -6.46
CA MET A 526 14.22 0.58 -7.00
C MET A 526 13.29 -0.62 -6.90
N GLY A 527 12.92 -1.16 -8.05
CA GLY A 527 12.37 -2.51 -8.15
C GLY A 527 10.86 -2.66 -8.02
N SER A 528 10.43 -3.92 -7.92
CA SER A 528 9.02 -4.30 -7.83
C SER A 528 8.97 -5.69 -7.20
N THR A 529 9.28 -5.78 -5.89
CA THR A 529 9.27 -7.05 -5.18
C THR A 529 7.86 -7.60 -5.08
N GLN A 530 7.75 -8.90 -5.29
CA GLN A 530 6.49 -9.60 -5.23
C GLN A 530 6.79 -10.92 -4.49
N SER A 531 6.52 -10.90 -3.20
CA SER A 531 7.08 -11.86 -2.29
C SER A 531 6.00 -12.61 -1.61
N ILE A 532 6.38 -13.75 -1.04
CA ILE A 532 5.52 -14.57 -0.20
C ILE A 532 6.38 -15.11 0.93
N MET A 533 5.90 -14.99 2.17
CA MET A 533 6.50 -15.62 3.32
C MET A 533 5.59 -16.77 3.78
N VAL A 534 6.20 -17.90 4.16
CA VAL A 534 5.47 -19.09 4.51
C VAL A 534 5.70 -19.48 5.97
N GLY A 535 4.61 -19.58 6.73
CA GLY A 535 4.64 -20.09 8.11
C GLY A 535 4.78 -21.60 8.12
N PRO A 536 5.31 -22.16 9.24
CA PRO A 536 5.58 -23.60 9.34
C PRO A 536 4.31 -24.44 9.22
N ASP A 537 3.19 -23.82 9.56
CA ASP A 537 1.88 -24.45 9.61
C ASP A 537 1.09 -24.28 8.29
N GLY A 538 1.77 -23.86 7.22
CA GLY A 538 1.13 -23.62 5.92
C GLY A 538 0.49 -22.25 5.72
N GLU A 539 0.57 -21.40 6.74
CA GLU A 539 -0.10 -20.10 6.70
C GLU A 539 0.73 -19.15 5.83
N LEU A 540 0.07 -18.46 4.90
CA LEU A 540 0.78 -17.65 3.91
C LEU A 540 0.64 -16.14 4.13
N TYR A 541 1.74 -15.44 3.93
CA TYR A 541 1.82 -13.99 4.12
C TYR A 541 2.41 -13.38 2.86
N GLY A 542 1.70 -12.46 2.24
CA GLY A 542 2.15 -11.89 0.96
C GLY A 542 2.18 -10.39 0.90
N ALA A 543 3.01 -9.84 0.00
CA ALA A 543 3.14 -8.39 -0.16
C ALA A 543 3.61 -8.03 -1.56
N SER A 544 2.84 -7.18 -2.22
CA SER A 544 3.25 -6.57 -3.47
C SER A 544 3.88 -5.23 -3.17
N ASP A 545 4.87 -4.86 -4.00
CA ASP A 545 5.55 -3.58 -3.93
C ASP A 545 4.62 -2.39 -4.14
N PRO A 546 4.70 -1.37 -3.27
CA PRO A 546 3.96 -0.14 -3.56
C PRO A 546 4.53 0.57 -4.80
N ARG A 547 5.80 0.30 -5.12
CA ARG A 547 6.52 0.95 -6.22
C ARG A 547 5.94 0.72 -7.61
N SER A 548 5.01 -0.22 -7.72
CA SER A 548 4.33 -0.56 -8.95
C SER A 548 2.82 -0.41 -8.73
N VAL A 549 2.21 0.60 -9.36
CA VAL A 549 0.76 0.75 -9.28
C VAL A 549 0.13 -0.46 -9.94
N ASP A 550 -1.04 -0.87 -9.42
CA ASP A 550 -1.83 -1.97 -9.98
C ASP A 550 -1.29 -3.42 -9.78
N ASP A 551 -0.28 -3.60 -8.92
CA ASP A 551 0.09 -4.97 -8.55
C ASP A 551 -0.85 -5.59 -7.49
N LEU A 552 -0.73 -6.90 -7.30
CA LEU A 552 -1.62 -7.63 -6.40
C LEU A 552 -0.99 -8.89 -5.83
N THR A 553 -1.07 -9.04 -4.51
CA THR A 553 -0.90 -10.34 -3.89
C THR A 553 -2.30 -10.79 -3.44
N ALA A 554 -2.68 -12.00 -3.84
CA ALA A 554 -3.98 -12.55 -3.50
C ALA A 554 -3.81 -14.05 -3.36
N GLY A 555 -4.71 -14.64 -2.58
CA GLY A 555 -4.73 -16.07 -2.34
C GLY A 555 -6.11 -16.50 -1.91
N TYR A 556 -6.18 -17.67 -1.28
CA TYR A 556 -7.45 -18.29 -0.92
C TYR A 556 -7.24 -19.31 0.20
N ALA B 5 7.41 29.86 1.00
CA ALA B 5 6.56 28.63 0.83
C ALA B 5 7.27 27.53 0.02
N PRO B 6 7.63 26.42 0.68
CA PRO B 6 8.37 25.31 0.03
C PRO B 6 7.60 24.62 -1.12
N PRO B 7 8.31 24.22 -2.20
CA PRO B 7 7.64 23.72 -3.39
C PRO B 7 6.92 22.42 -3.07
N VAL B 8 5.81 22.19 -3.75
CA VAL B 8 4.91 21.11 -3.39
C VAL B 8 5.05 19.97 -4.41
N SER B 9 4.56 18.78 -4.07
CA SER B 9 4.65 17.65 -5.00
C SER B 9 3.39 16.81 -5.06
N TYR B 10 2.87 16.62 -6.26
CA TYR B 10 1.65 15.85 -6.44
C TYR B 10 1.94 14.37 -6.63
N GLY B 11 3.15 14.07 -7.13
CA GLY B 11 3.60 12.69 -7.36
C GLY B 11 4.14 12.43 -8.76
N VAL B 12 5.28 11.75 -8.84
CA VAL B 12 5.88 11.40 -10.13
C VAL B 12 6.12 9.89 -10.23
N GLU B 13 6.31 9.42 -11.46
CA GLU B 13 6.55 8.00 -11.74
C GLU B 13 7.72 7.42 -10.94
N GLU B 14 8.64 8.28 -10.48
CA GLU B 14 9.87 7.86 -9.81
C GLU B 14 9.70 7.57 -8.32
N ASP B 15 8.52 7.88 -7.79
CA ASP B 15 8.23 7.76 -6.37
C ASP B 15 7.99 6.33 -5.92
N VAL B 16 8.23 6.09 -4.64
CA VAL B 16 8.01 4.78 -4.02
C VAL B 16 6.50 4.57 -3.74
N PHE B 17 5.84 5.60 -3.20
CA PHE B 17 4.41 5.52 -2.95
C PHE B 17 3.62 6.36 -3.94
N HIS B 18 2.79 5.68 -4.72
CA HIS B 18 2.02 6.31 -5.77
C HIS B 18 0.60 6.59 -5.31
N PRO B 19 0.18 7.87 -5.42
CA PRO B 19 -1.17 8.33 -5.13
C PRO B 19 -2.12 7.74 -6.16
N VAL B 20 -3.35 7.44 -5.74
CA VAL B 20 -4.40 7.09 -6.70
C VAL B 20 -4.72 8.33 -7.54
N ARG B 21 -4.92 8.15 -8.84
CA ARG B 21 -5.18 9.28 -9.71
C ARG B 21 -6.56 9.22 -10.35
N ALA B 22 -7.19 10.39 -10.42
CA ALA B 22 -8.46 10.58 -11.14
C ALA B 22 -8.66 12.04 -11.52
N LYS B 23 -9.48 12.27 -12.54
CA LYS B 23 -9.65 13.59 -13.12
C LYS B 23 -10.99 14.19 -12.72
N GLN B 24 -11.99 13.32 -12.58
CA GLN B 24 -13.36 13.74 -12.34
C GLN B 24 -13.76 13.70 -10.85
N GLY B 25 -13.72 12.55 -10.21
CA GLY B 25 -14.05 12.49 -8.78
C GLY B 25 -13.14 11.53 -8.04
N MET B 26 -13.20 11.55 -6.72
CA MET B 26 -12.42 10.64 -5.88
C MET B 26 -13.04 10.48 -4.51
N VAL B 27 -13.04 9.26 -4.01
CA VAL B 27 -13.45 8.95 -2.64
C VAL B 27 -12.36 8.11 -2.00
N ALA B 28 -12.01 8.47 -0.78
CA ALA B 28 -11.07 7.72 0.03
C ALA B 28 -11.82 7.27 1.27
N SER B 29 -11.81 5.97 1.58
CA SER B 29 -12.49 5.46 2.77
C SER B 29 -11.82 4.19 3.27
N VAL B 30 -12.24 3.74 4.45
CA VAL B 30 -11.74 2.53 5.10
C VAL B 30 -12.15 1.22 4.37
N ASP B 31 -13.11 1.28 3.43
CA ASP B 31 -13.69 0.04 2.90
C ASP B 31 -13.98 0.07 1.41
N ALA B 32 -13.37 -0.87 0.66
CA ALA B 32 -13.51 -0.95 -0.79
C ALA B 32 -14.93 -0.67 -1.33
N THR B 33 -15.92 -1.38 -0.79
CA THR B 33 -17.29 -1.26 -1.25
C THR B 33 -17.91 0.13 -0.98
N ALA B 34 -17.73 0.63 0.24
CA ALA B 34 -18.21 1.98 0.57
C ALA B 34 -17.61 3.01 -0.38
N THR B 35 -16.31 2.91 -0.62
CA THR B 35 -15.66 3.77 -1.61
C THR B 35 -16.32 3.66 -2.98
N GLN B 36 -16.57 2.44 -3.46
CA GLN B 36 -17.20 2.27 -4.77
C GLN B 36 -18.60 2.89 -4.82
N VAL B 37 -19.29 2.88 -3.69
CA VAL B 37 -20.61 3.47 -3.56
C VAL B 37 -20.54 4.98 -3.79
N GLY B 38 -19.57 5.64 -3.16
CA GLY B 38 -19.38 7.07 -3.32
C GLY B 38 -19.01 7.48 -4.73
N VAL B 39 -18.07 6.76 -5.32
CA VAL B 39 -17.63 6.97 -6.70
C VAL B 39 -18.81 6.84 -7.68
N ASP B 40 -19.62 5.77 -7.52
CA ASP B 40 -20.83 5.59 -8.36
C ASP B 40 -21.84 6.70 -8.20
N ILE B 41 -21.88 7.34 -7.04
CA ILE B 41 -22.81 8.45 -6.83
C ILE B 41 -22.34 9.68 -7.62
N LEU B 42 -21.03 9.96 -7.53
CA LEU B 42 -20.39 10.94 -8.39
C LEU B 42 -20.61 10.62 -9.87
N LYS B 43 -20.38 9.37 -10.28
CA LYS B 43 -20.58 8.96 -11.67
C LYS B 43 -22.00 9.29 -12.16
N GLU B 44 -22.98 9.03 -11.29
CA GLU B 44 -24.38 9.29 -11.51
C GLU B 44 -24.69 10.78 -11.41
N GLY B 45 -23.64 11.61 -11.34
CA GLY B 45 -23.80 13.07 -11.42
C GLY B 45 -24.02 13.81 -10.11
N GLY B 46 -23.97 13.10 -8.99
CA GLY B 46 -24.12 13.73 -7.67
C GLY B 46 -22.87 14.50 -7.26
N ASN B 47 -22.98 15.25 -6.16
CA ASN B 47 -21.87 16.04 -5.67
C ASN B 47 -21.23 15.44 -4.41
N ALA B 48 -20.17 16.08 -3.93
CA ALA B 48 -19.41 15.57 -2.80
C ALA B 48 -20.27 15.27 -1.57
N VAL B 49 -21.27 16.11 -1.32
CA VAL B 49 -22.20 15.87 -0.20
C VAL B 49 -23.08 14.64 -0.45
N ASP B 50 -23.69 14.56 -1.64
CA ASP B 50 -24.37 13.35 -2.08
C ASP B 50 -23.48 12.11 -1.85
N ALA B 51 -22.31 12.11 -2.49
CA ALA B 51 -21.37 10.99 -2.37
C ALA B 51 -21.02 10.70 -0.91
N ALA B 52 -20.60 11.73 -0.18
CA ALA B 52 -20.28 11.59 1.25
C ALA B 52 -21.39 10.92 2.06
N VAL B 53 -22.62 11.41 1.92
CA VAL B 53 -23.76 10.81 2.62
C VAL B 53 -24.00 9.36 2.14
N ALA B 54 -23.80 9.12 0.86
CA ALA B 54 -23.93 7.75 0.32
C ALA B 54 -22.85 6.83 0.92
N VAL B 55 -21.65 7.37 1.11
CA VAL B 55 -20.58 6.59 1.71
C VAL B 55 -20.90 6.33 3.18
N GLY B 56 -21.28 7.38 3.90
CA GLY B 56 -21.69 7.27 5.29
C GLY B 56 -22.74 6.22 5.51
N TYR B 57 -23.69 6.11 4.58
CA TYR B 57 -24.73 5.09 4.70
C TYR B 57 -24.21 3.70 4.36
N ALA B 58 -23.28 3.62 3.42
CA ALA B 58 -22.73 2.33 3.02
C ALA B 58 -21.85 1.74 4.13
N LEU B 59 -21.06 2.61 4.76
CA LEU B 59 -20.20 2.20 5.87
C LEU B 59 -21.00 1.76 7.10
N ALA B 60 -22.19 2.32 7.27
CA ALA B 60 -23.10 1.88 8.31
C ALA B 60 -23.47 0.41 8.12
N VAL B 61 -23.38 -0.08 6.89
CA VAL B 61 -23.74 -1.48 6.56
C VAL B 61 -22.53 -2.40 6.53
N THR B 62 -21.48 -1.94 5.84
CA THR B 62 -20.29 -2.74 5.60
C THR B 62 -19.15 -2.56 6.62
N HIS B 63 -19.16 -1.47 7.36
CA HIS B 63 -18.15 -1.27 8.41
C HIS B 63 -18.83 -1.05 9.79
N PRO B 64 -19.56 -2.06 10.28
CA PRO B 64 -20.30 -1.91 11.53
C PRO B 64 -19.39 -1.72 12.74
N GLN B 65 -18.08 -1.78 12.52
CA GLN B 65 -17.10 -1.49 13.57
C GLN B 65 -17.14 -0.02 13.96
N ALA B 66 -17.45 0.84 13.00
CA ALA B 66 -17.38 2.28 13.21
C ALA B 66 -18.39 3.04 12.38
N GLY B 67 -18.57 2.61 11.14
CA GLY B 67 -19.61 3.16 10.28
C GLY B 67 -20.90 2.82 10.96
N ASN B 68 -21.88 3.72 10.93
CA ASN B 68 -23.01 3.58 11.85
C ASN B 68 -24.21 4.44 11.52
N LEU B 69 -25.34 4.09 12.11
CA LEU B 69 -26.46 5.00 12.26
C LEU B 69 -26.76 5.21 13.76
N GLY B 70 -26.15 4.40 14.62
CA GLY B 70 -26.36 4.51 16.07
C GLY B 70 -25.27 5.25 16.85
N GLY B 71 -24.46 6.03 16.13
CA GLY B 71 -23.45 6.87 16.75
C GLY B 71 -23.50 8.31 16.25
N GLY B 72 -22.34 8.93 16.15
CA GLY B 72 -22.28 10.33 15.73
C GLY B 72 -20.93 10.71 15.17
N GLY B 73 -20.74 11.99 14.87
CA GLY B 73 -19.47 12.45 14.33
C GLY B 73 -19.50 13.83 13.70
N PHE B 74 -18.49 14.08 12.87
CA PHE B 74 -18.22 15.42 12.41
C PHE B 74 -18.12 15.45 10.90
N MET B 75 -18.63 16.52 10.31
CA MET B 75 -18.47 16.77 8.89
C MET B 75 -17.99 18.17 8.62
N LEU B 76 -17.08 18.28 7.66
CA LEU B 76 -16.60 19.57 7.20
C LEU B 76 -16.82 19.66 5.68
N ILE B 77 -17.28 20.82 5.21
CA ILE B 77 -17.62 20.95 3.80
C ILE B 77 -16.99 22.17 3.17
N ARG B 78 -16.30 21.98 2.04
CA ARG B 78 -15.87 23.14 1.27
C ARG B 78 -16.42 23.13 -0.16
N SER B 79 -17.18 24.18 -0.47
CA SER B 79 -17.80 24.39 -1.78
C SER B 79 -16.80 24.92 -2.79
N LYS B 80 -17.16 24.82 -4.07
CA LYS B 80 -16.37 25.43 -5.13
C LYS B 80 -16.05 26.87 -4.80
N ASN B 81 -17.07 27.65 -4.49
CA ASN B 81 -16.86 29.09 -4.32
C ASN B 81 -16.22 29.52 -3.00
N GLY B 82 -15.92 28.56 -2.13
CA GLY B 82 -15.12 28.83 -0.93
C GLY B 82 -15.87 28.74 0.39
N ASN B 83 -17.18 28.57 0.31
CA ASN B 83 -18.01 28.33 1.48
C ASN B 83 -17.52 27.13 2.28
N THR B 84 -17.11 27.37 3.53
CA THR B 84 -16.66 26.29 4.39
C THR B 84 -17.44 26.26 5.68
N THR B 85 -18.02 25.11 5.99
CA THR B 85 -18.84 24.98 7.20
C THR B 85 -18.64 23.64 7.88
N ALA B 86 -18.98 23.61 9.17
CA ALA B 86 -18.77 22.43 10.00
C ALA B 86 -20.07 21.90 10.60
N ILE B 87 -20.36 20.64 10.33
CA ILE B 87 -21.59 20.01 10.81
C ILE B 87 -21.29 19.10 12.00
N ASP B 88 -21.75 19.53 13.17
CA ASP B 88 -21.62 18.77 14.39
C ASP B 88 -22.83 17.86 14.44
N PHE B 89 -22.62 16.56 14.25
CA PHE B 89 -23.68 15.58 14.48
C PHE B 89 -23.27 14.54 15.54
N ARG B 90 -22.50 15.04 16.51
CA ARG B 90 -22.04 14.28 17.67
C ARG B 90 -23.21 13.82 18.54
N GLU B 91 -23.06 12.66 19.17
CA GLU B 91 -24.05 12.16 20.12
C GLU B 91 -24.30 13.17 21.23
N MET B 92 -25.57 13.35 21.55
CA MET B 92 -25.99 14.23 22.64
C MET B 92 -26.41 13.32 23.77
N ALA B 93 -26.11 13.73 25.00
CA ALA B 93 -26.50 12.95 26.19
C ALA B 93 -28.03 12.97 26.36
N PRO B 94 -28.61 11.92 26.97
CA PRO B 94 -30.05 11.89 27.30
C PRO B 94 -30.39 12.81 28.46
N ALA B 95 -31.68 13.09 28.64
CA ALA B 95 -32.14 14.08 29.64
C ALA B 95 -32.40 13.48 31.03
N LYS B 96 -32.19 12.18 31.18
CA LYS B 96 -32.27 11.53 32.48
C LYS B 96 -30.89 11.09 32.95
N ALA B 97 -29.86 11.68 32.35
CA ALA B 97 -28.46 11.32 32.61
C ALA B 97 -27.75 12.34 33.52
N THR B 98 -26.88 11.85 34.41
CA THR B 98 -26.12 12.71 35.34
C THR B 98 -24.98 11.98 36.05
N LEU B 119 -26.71 -0.06 30.40
CA LEU B 119 -26.57 0.64 29.12
C LEU B 119 -26.40 2.16 29.27
N ALA B 120 -25.54 2.72 28.42
CA ALA B 120 -25.25 4.14 28.37
C ALA B 120 -24.77 4.46 26.95
N SER B 121 -25.69 4.96 26.12
CA SER B 121 -25.44 5.07 24.67
C SER B 121 -25.39 6.51 24.17
N GLY B 122 -26.40 7.31 24.55
CA GLY B 122 -26.46 8.69 24.07
C GLY B 122 -27.11 8.84 22.71
N THR B 123 -27.93 9.88 22.58
CA THR B 123 -28.74 10.10 21.39
C THR B 123 -27.91 10.16 20.09
N PRO B 124 -28.24 9.29 19.12
CA PRO B 124 -27.49 9.26 17.85
C PRO B 124 -27.76 10.50 16.98
N GLY B 125 -26.72 10.93 16.28
CA GLY B 125 -26.84 12.13 15.47
C GLY B 125 -26.58 11.92 13.99
N THR B 126 -26.09 10.73 13.64
CA THR B 126 -25.61 10.46 12.29
C THR B 126 -26.65 10.78 11.21
N VAL B 127 -27.87 10.28 11.39
CA VAL B 127 -28.91 10.43 10.37
C VAL B 127 -29.28 11.91 10.19
N ALA B 128 -29.30 12.63 11.31
CA ALA B 128 -29.62 14.05 11.35
C ALA B 128 -28.53 14.87 10.68
N GLY B 129 -27.28 14.56 11.02
CA GLY B 129 -26.13 15.17 10.38
C GLY B 129 -26.14 14.93 8.88
N PHE B 130 -26.50 13.71 8.48
CA PHE B 130 -26.52 13.41 7.05
C PHE B 130 -27.63 14.16 6.33
N SER B 131 -28.82 14.19 6.93
CA SER B 131 -29.95 14.86 6.31
C SER B 131 -29.80 16.38 6.28
N LEU B 132 -29.27 16.96 7.35
CA LEU B 132 -29.02 18.40 7.40
C LEU B 132 -28.11 18.77 6.24
N ALA B 133 -26.96 18.10 6.15
CA ALA B 133 -26.00 18.30 5.07
C ALA B 133 -26.61 18.04 3.70
N LEU B 134 -27.37 16.95 3.57
CA LEU B 134 -27.97 16.63 2.28
C LEU B 134 -29.07 17.63 1.89
N ASP B 135 -29.91 18.03 2.86
CA ASP B 135 -31.03 18.97 2.60
C ASP B 135 -30.57 20.35 2.18
N LYS B 136 -29.43 20.78 2.73
CA LYS B 136 -28.91 22.12 2.48
C LYS B 136 -27.84 22.14 1.38
N TYR B 137 -26.93 21.17 1.39
CA TYR B 137 -25.79 21.18 0.46
C TYR B 137 -25.80 20.09 -0.64
N GLY B 138 -26.73 19.13 -0.54
CA GLY B 138 -26.83 18.04 -1.52
C GLY B 138 -27.61 18.43 -2.74
N THR B 139 -27.62 17.58 -3.77
CA THR B 139 -28.47 17.76 -4.96
C THR B 139 -29.37 16.54 -5.24
N MET B 140 -29.15 15.45 -4.52
CA MET B 140 -29.95 14.22 -4.66
C MET B 140 -30.93 14.04 -3.50
N PRO B 141 -32.06 13.38 -3.77
CA PRO B 141 -32.95 13.04 -2.64
C PRO B 141 -32.37 11.94 -1.78
N LEU B 142 -32.83 11.87 -0.53
CA LEU B 142 -32.35 10.89 0.45
C LEU B 142 -32.46 9.45 -0.05
N ASN B 143 -33.46 9.16 -0.89
CA ASN B 143 -33.61 7.81 -1.44
C ASN B 143 -32.45 7.37 -2.34
N LYS B 144 -32.03 8.21 -3.29
CA LYS B 144 -30.87 7.87 -4.15
C LYS B 144 -29.63 7.43 -3.39
N VAL B 145 -29.33 8.15 -2.31
CA VAL B 145 -28.10 7.98 -1.55
C VAL B 145 -28.14 6.89 -0.48
N VAL B 146 -29.33 6.37 -0.19
CA VAL B 146 -29.48 5.26 0.75
C VAL B 146 -29.58 3.93 -0.01
N GLN B 147 -30.09 3.99 -1.23
CA GLN B 147 -30.27 2.82 -2.10
C GLN B 147 -29.04 1.91 -2.22
N PRO B 148 -27.84 2.48 -2.39
CA PRO B 148 -26.74 1.52 -2.43
C PRO B 148 -26.58 0.80 -1.09
N ALA B 149 -26.65 1.53 0.00
CA ALA B 149 -26.49 0.94 1.34
C ALA B 149 -27.60 -0.07 1.65
N PHE B 150 -28.81 0.24 1.21
CA PHE B 150 -29.94 -0.64 1.40
C PHE B 150 -29.75 -1.99 0.67
N LYS B 151 -29.30 -1.97 -0.58
CA LYS B 151 -29.06 -3.21 -1.34
C LYS B 151 -28.07 -4.12 -0.63
N LEU B 152 -26.93 -3.57 -0.21
CA LEU B 152 -25.92 -4.32 0.54
C LEU B 152 -26.46 -4.93 1.86
N ALA B 153 -27.51 -4.31 2.42
CA ALA B 153 -28.15 -4.84 3.64
C ALA B 153 -29.05 -6.02 3.32
N ARG B 154 -30.08 -5.76 2.51
CA ARG B 154 -31.01 -6.80 2.05
C ARG B 154 -30.27 -7.96 1.35
N ASP B 155 -29.47 -7.63 0.33
CA ASP B 155 -28.79 -8.64 -0.49
C ASP B 155 -27.55 -9.26 0.12
N GLY B 156 -26.87 -8.53 1.00
CA GLY B 156 -25.70 -9.04 1.71
C GLY B 156 -24.39 -8.71 1.03
N PHE B 157 -23.29 -8.93 1.75
CA PHE B 157 -21.95 -8.81 1.16
C PHE B 157 -20.99 -9.81 1.79
N ILE B 158 -19.92 -10.12 1.05
CA ILE B 158 -18.93 -11.06 1.50
C ILE B 158 -17.98 -10.43 2.52
N VAL B 159 -17.76 -11.14 3.64
CA VAL B 159 -16.90 -10.68 4.73
C VAL B 159 -15.42 -10.79 4.37
N ASN B 160 -14.72 -9.68 4.55
CA ASN B 160 -13.31 -9.59 4.26
C ASN B 160 -12.46 -9.75 5.52
N ASP B 161 -11.14 -9.74 5.36
CA ASP B 161 -10.21 -9.89 6.49
C ASP B 161 -10.50 -8.89 7.61
N ALA B 162 -10.59 -7.62 7.25
CA ALA B 162 -10.79 -6.56 8.25
C ALA B 162 -12.04 -6.80 9.11
N LEU B 163 -13.19 -7.05 8.49
CA LEU B 163 -14.44 -7.28 9.23
C LEU B 163 -14.37 -8.55 10.08
N ALA B 164 -13.77 -9.62 9.53
CA ALA B 164 -13.67 -10.89 10.25
C ALA B 164 -12.69 -10.84 11.42
N ASP B 165 -11.61 -10.09 11.25
CA ASP B 165 -10.66 -9.92 12.34
C ASP B 165 -11.28 -9.09 13.44
N ASP B 166 -12.07 -8.09 13.04
CA ASP B 166 -12.76 -7.23 14.00
C ASP B 166 -13.88 -7.95 14.72
N LEU B 167 -14.67 -8.74 13.99
CA LEU B 167 -15.68 -9.58 14.63
C LEU B 167 -15.08 -10.58 15.61
N LYS B 168 -13.91 -11.13 15.29
CA LYS B 168 -13.25 -12.12 16.14
C LYS B 168 -12.70 -11.53 17.42
N THR B 169 -11.94 -10.44 17.28
CA THR B 169 -11.27 -9.81 18.39
C THR B 169 -12.21 -8.95 19.23
N TYR B 170 -12.86 -7.99 18.58
CA TYR B 170 -13.66 -6.98 19.25
C TYR B 170 -15.13 -7.37 19.38
N GLY B 171 -15.63 -8.11 18.38
CA GLY B 171 -17.01 -8.58 18.39
C GLY B 171 -17.32 -9.56 19.50
N SER B 172 -16.36 -10.42 19.82
CA SER B 172 -16.58 -11.44 20.84
C SER B 172 -16.72 -10.88 22.25
N GLU B 173 -16.23 -9.66 22.46
CA GLU B 173 -16.37 -8.96 23.73
C GLU B 173 -17.82 -8.64 24.09
N VAL B 174 -18.59 -8.23 23.09
CA VAL B 174 -19.83 -7.50 23.34
C VAL B 174 -21.05 -7.94 22.51
N LEU B 175 -20.82 -8.61 21.37
CA LEU B 175 -21.89 -8.97 20.43
C LEU B 175 -22.71 -10.22 20.79
N PRO B 176 -22.04 -11.37 21.07
CA PRO B 176 -22.80 -12.60 21.37
C PRO B 176 -23.58 -12.54 22.67
N ASN B 177 -23.39 -11.47 23.44
CA ASN B 177 -24.07 -11.28 24.71
C ASN B 177 -25.47 -10.68 24.54
N HIS B 178 -25.80 -10.34 23.29
CA HIS B 178 -27.11 -9.76 22.94
C HIS B 178 -27.82 -10.54 21.85
N GLU B 179 -28.97 -11.11 22.24
CA GLU B 179 -29.75 -12.01 21.39
C GLU B 179 -29.94 -11.45 19.99
N ASN B 180 -30.52 -10.25 19.90
CA ASN B 180 -30.72 -9.60 18.60
C ASN B 180 -29.43 -9.36 17.83
N SER B 181 -28.33 -9.12 18.55
CA SER B 181 -27.03 -8.88 17.93
C SER B 181 -26.40 -10.17 17.43
N LYS B 182 -26.44 -11.20 18.28
CA LYS B 182 -25.91 -12.51 17.96
C LYS B 182 -26.55 -13.06 16.69
N ALA B 183 -27.84 -12.83 16.49
CA ALA B 183 -28.54 -13.30 15.29
C ALA B 183 -27.94 -12.78 13.97
N ILE B 184 -27.38 -11.58 14.00
CA ILE B 184 -26.94 -10.92 12.77
C ILE B 184 -25.49 -11.27 12.38
N PHE B 185 -24.57 -11.05 13.32
CA PHE B 185 -23.12 -11.14 13.08
C PHE B 185 -22.50 -12.48 13.48
N TRP B 186 -23.26 -13.28 14.23
CA TRP B 186 -22.87 -14.65 14.59
C TRP B 186 -23.55 -15.70 13.72
N LYS B 187 -22.87 -16.83 13.58
CA LYS B 187 -23.30 -17.93 12.73
C LYS B 187 -22.73 -19.23 13.29
N GLU B 188 -23.63 -20.14 13.62
CA GLU B 188 -23.28 -21.43 14.21
C GLU B 188 -22.34 -21.25 15.40
N GLY B 189 -22.80 -20.48 16.38
CA GLY B 189 -22.11 -20.27 17.64
C GLY B 189 -20.82 -19.51 17.49
N GLU B 190 -20.52 -19.07 16.27
CA GLU B 190 -19.25 -18.42 16.00
C GLU B 190 -19.39 -17.11 15.21
N PRO B 191 -18.43 -16.19 15.38
CA PRO B 191 -18.40 -14.98 14.53
C PRO B 191 -18.34 -15.34 13.05
N LEU B 192 -18.99 -14.51 12.21
CA LEU B 192 -18.91 -14.68 10.76
C LEU B 192 -17.44 -14.61 10.37
N LYS B 193 -17.03 -15.51 9.47
CA LYS B 193 -15.65 -15.54 9.03
C LYS B 193 -15.50 -14.91 7.64
N LYS B 194 -14.23 -14.69 7.26
CA LYS B 194 -13.82 -14.33 5.91
C LYS B 194 -14.48 -15.28 4.94
N GLY B 195 -15.15 -14.75 3.92
CA GLY B 195 -15.80 -15.54 2.89
C GLY B 195 -17.29 -15.76 3.15
N ASP B 196 -17.72 -15.54 4.39
CA ASP B 196 -19.13 -15.66 4.70
C ASP B 196 -19.88 -14.43 4.17
N THR B 197 -21.19 -14.61 3.97
CA THR B 197 -22.06 -13.54 3.50
C THR B 197 -22.79 -12.90 4.69
N LEU B 198 -22.56 -11.60 4.89
CA LEU B 198 -23.28 -10.84 5.91
C LEU B 198 -24.56 -10.26 5.32
N VAL B 199 -25.70 -10.69 5.86
CA VAL B 199 -27.01 -10.21 5.43
C VAL B 199 -27.64 -9.48 6.61
N GLN B 200 -28.17 -8.30 6.35
CA GLN B 200 -28.72 -7.45 7.38
C GLN B 200 -30.10 -7.01 6.91
N ALA B 201 -31.09 -7.87 7.15
CA ALA B 201 -32.42 -7.66 6.60
C ALA B 201 -33.21 -6.68 7.45
N ASN B 202 -33.05 -6.77 8.77
CA ASN B 202 -33.62 -5.80 9.70
C ASN B 202 -33.07 -4.37 9.48
N LEU B 203 -31.77 -4.27 9.25
CA LEU B 203 -31.16 -2.98 8.97
C LEU B 203 -31.61 -2.48 7.59
N ALA B 204 -31.73 -3.38 6.63
CA ALA B 204 -32.36 -3.07 5.35
C ALA B 204 -33.73 -2.44 5.56
N LYS B 205 -34.56 -3.11 6.35
CA LYS B 205 -35.88 -2.60 6.73
C LYS B 205 -35.77 -1.15 7.22
N SER B 206 -34.92 -0.90 8.20
CA SER B 206 -34.73 0.45 8.74
C SER B 206 -34.33 1.47 7.67
N LEU B 207 -33.43 1.06 6.78
CA LEU B 207 -32.95 1.91 5.68
C LEU B 207 -34.05 2.26 4.66
N GLU B 208 -34.88 1.27 4.31
CA GLU B 208 -36.02 1.46 3.42
C GLU B 208 -37.01 2.50 4.00
N MET B 209 -37.18 2.46 5.32
CA MET B 209 -38.10 3.33 6.04
C MET B 209 -37.59 4.77 6.06
N ILE B 210 -36.28 4.93 6.27
CA ILE B 210 -35.62 6.23 6.21
C ILE B 210 -35.69 6.76 4.78
N ALA B 211 -35.42 5.89 3.81
CA ALA B 211 -35.53 6.22 2.40
C ALA B 211 -36.94 6.73 2.03
N GLU B 212 -37.98 6.10 2.59
CA GLU B 212 -39.35 6.56 2.36
C GLU B 212 -39.68 7.78 3.21
N ASN B 213 -39.47 7.67 4.51
CA ASN B 213 -39.99 8.67 5.45
C ASN B 213 -39.13 9.89 5.71
N GLY B 214 -37.83 9.77 5.46
CA GLY B 214 -36.89 10.84 5.72
C GLY B 214 -36.26 10.64 7.08
N PRO B 215 -35.48 11.63 7.54
CA PRO B 215 -34.78 11.51 8.82
C PRO B 215 -35.74 11.17 9.97
N ASP B 216 -36.94 11.72 9.91
CA ASP B 216 -37.93 11.55 10.98
C ASP B 216 -38.27 10.10 11.29
N GLU B 217 -38.06 9.21 10.32
CA GLU B 217 -38.24 7.80 10.58
C GLU B 217 -37.30 7.35 11.70
N PHE B 218 -36.06 7.85 11.68
CA PHE B 218 -35.10 7.57 12.73
C PHE B 218 -35.48 8.25 14.05
N TYR B 219 -35.98 9.49 13.98
CA TYR B 219 -36.23 10.27 15.19
C TYR B 219 -37.67 10.38 15.68
N LYS B 220 -38.65 10.01 14.86
CA LYS B 220 -40.08 10.12 15.22
C LYS B 220 -40.92 8.98 14.62
N GLY B 221 -40.32 7.80 14.48
CA GLY B 221 -41.02 6.69 13.85
C GLY B 221 -40.73 5.31 14.43
N THR B 222 -40.85 4.29 13.57
CA THR B 222 -40.67 2.90 13.97
C THR B 222 -39.29 2.67 14.56
N ILE B 223 -38.26 3.26 13.95
CA ILE B 223 -36.89 3.15 14.46
C ILE B 223 -36.78 3.81 15.83
N ALA B 224 -37.29 5.04 15.92
CA ALA B 224 -37.28 5.81 17.17
C ALA B 224 -37.85 5.03 18.35
N GLU B 225 -38.96 4.32 18.12
CA GLU B 225 -39.53 3.50 19.17
C GLU B 225 -38.80 2.17 19.33
N GLN B 226 -38.19 1.66 18.25
CA GLN B 226 -37.34 0.46 18.37
C GLN B 226 -36.19 0.73 19.32
N ILE B 227 -35.53 1.88 19.15
CA ILE B 227 -34.50 2.36 20.08
C ILE B 227 -35.07 2.47 21.50
N ALA B 228 -36.29 2.99 21.59
CA ALA B 228 -36.91 3.28 22.87
C ALA B 228 -37.40 2.02 23.58
N GLN B 229 -38.30 1.27 22.94
CA GLN B 229 -39.01 0.15 23.57
C GLN B 229 -38.09 -1.03 23.86
N GLU B 230 -37.01 -1.13 23.10
CA GLU B 230 -35.92 -2.03 23.46
C GLU B 230 -34.82 -1.21 24.15
N MET B 231 -35.21 -0.58 25.25
CA MET B 231 -34.30 0.09 26.18
C MET B 231 -34.97 0.47 27.49
N GLN B 232 -36.30 0.44 27.50
CA GLN B 232 -37.06 0.54 28.74
C GLN B 232 -36.83 -0.73 29.58
N LYS B 233 -36.38 -1.80 28.92
CA LYS B 233 -36.07 -3.07 29.59
C LYS B 233 -34.58 -3.22 29.86
N ASN B 234 -33.78 -3.37 28.81
CA ASN B 234 -32.33 -3.52 28.91
C ASN B 234 -31.69 -2.21 29.41
N GLY B 235 -31.61 -2.06 30.74
CA GLY B 235 -31.11 -0.83 31.37
C GLY B 235 -31.77 0.43 30.81
N GLY B 236 -30.97 1.26 30.15
CA GLY B 236 -31.47 2.31 29.23
C GLY B 236 -31.86 3.67 29.78
N LEU B 237 -31.56 4.70 29.01
CA LEU B 237 -31.94 6.08 29.35
C LEU B 237 -32.56 6.86 28.19
N ILE B 238 -31.99 6.75 26.98
CA ILE B 238 -32.47 7.51 25.82
C ILE B 238 -33.94 7.26 25.49
N THR B 239 -34.74 8.27 25.80
CA THR B 239 -36.19 8.22 25.67
C THR B 239 -36.65 8.77 24.31
N LYS B 240 -37.95 8.75 24.06
CA LYS B 240 -38.50 9.22 22.80
C LYS B 240 -38.38 10.75 22.70
N GLU B 241 -38.36 11.41 23.85
CA GLU B 241 -38.19 12.85 23.93
C GLU B 241 -36.71 13.23 23.72
N ASP B 242 -35.86 12.21 23.64
CA ASP B 242 -34.46 12.40 23.30
C ASP B 242 -34.29 12.41 21.79
N LEU B 243 -35.04 11.54 21.10
CA LEU B 243 -34.96 11.46 19.64
C LEU B 243 -35.65 12.64 18.97
N ALA B 244 -36.76 13.10 19.56
CA ALA B 244 -37.51 14.24 19.03
C ALA B 244 -36.70 15.53 19.12
N ALA B 245 -36.03 15.74 20.26
CA ALA B 245 -35.31 16.98 20.53
C ALA B 245 -33.98 17.09 19.80
N TYR B 246 -33.33 15.95 19.59
CA TYR B 246 -32.03 15.97 18.96
C TYR B 246 -32.05 16.63 17.59
N LYS B 247 -31.08 17.52 17.37
CA LYS B 247 -30.67 17.86 16.00
C LYS B 247 -29.17 18.12 15.86
N ALA B 248 -28.72 18.16 14.62
CA ALA B 248 -27.32 18.41 14.31
C ALA B 248 -27.09 19.92 14.26
N VAL B 249 -25.92 20.35 14.70
CA VAL B 249 -25.64 21.76 14.78
C VAL B 249 -24.55 22.15 13.79
N GLU B 250 -24.91 23.02 12.85
CA GLU B 250 -23.96 23.58 11.91
C GLU B 250 -23.23 24.71 12.60
N ARG B 251 -21.90 24.71 12.54
CA ARG B 251 -21.11 25.79 13.16
C ARG B 251 -19.92 26.23 12.33
N THR B 252 -19.36 27.39 12.71
CA THR B 252 -18.16 27.93 12.07
C THR B 252 -16.96 27.03 12.35
N PRO B 253 -16.23 26.63 11.30
CA PRO B 253 -14.94 25.91 11.43
C PRO B 253 -13.85 26.71 12.15
N ILE B 254 -12.90 25.99 12.73
CA ILE B 254 -11.63 26.57 13.18
C ILE B 254 -10.76 26.75 11.95
N SER B 255 -10.21 27.95 11.78
CA SER B 255 -9.32 28.21 10.66
C SER B 255 -8.01 28.85 11.10
N GLY B 256 -6.91 28.37 10.53
CA GLY B 256 -5.60 28.97 10.76
C GLY B 256 -4.83 29.23 9.47
N ASP B 257 -3.74 29.98 9.57
CA ASP B 257 -2.87 30.22 8.43
C ASP B 257 -1.52 29.55 8.64
N TYR B 258 -0.99 28.94 7.60
CA TYR B 258 0.26 28.22 7.71
C TYR B 258 1.05 28.37 6.42
N ARG B 259 1.95 29.34 6.37
CA ARG B 259 2.76 29.65 5.19
C ARG B 259 1.94 29.91 3.93
N GLY B 260 0.87 30.69 4.06
CA GLY B 260 -0.02 31.02 2.94
C GLY B 260 -1.11 29.99 2.65
N TYR B 261 -1.11 28.88 3.40
CA TYR B 261 -2.15 27.86 3.30
C TYR B 261 -3.18 28.12 4.38
N GLN B 262 -4.46 27.93 4.05
CA GLN B 262 -5.50 28.07 5.06
C GLN B 262 -5.98 26.70 5.50
N VAL B 263 -6.06 26.53 6.82
CA VAL B 263 -6.28 25.22 7.42
C VAL B 263 -7.59 25.23 8.23
N TYR B 264 -8.59 24.49 7.76
CA TYR B 264 -9.88 24.43 8.42
C TYR B 264 -10.07 23.12 9.10
N SER B 265 -10.59 23.16 10.32
CA SER B 265 -10.86 21.91 11.03
C SER B 265 -12.15 22.02 11.85
N MET B 266 -12.47 20.95 12.58
CA MET B 266 -13.68 20.90 13.39
C MET B 266 -13.54 21.68 14.68
N PRO B 267 -14.49 22.59 14.98
CA PRO B 267 -14.63 23.29 16.25
C PRO B 267 -15.00 22.33 17.39
N PRO B 268 -14.99 22.80 18.66
CA PRO B 268 -15.65 22.07 19.73
C PRO B 268 -17.07 21.66 19.33
N PRO B 269 -17.52 20.45 19.74
CA PRO B 269 -16.93 19.41 20.58
C PRO B 269 -15.72 18.63 20.02
N SER B 270 -15.16 19.03 18.88
CA SER B 270 -13.81 18.57 18.55
C SER B 270 -12.78 19.28 19.44
N SER B 271 -11.96 18.45 20.09
CA SER B 271 -10.90 18.87 20.98
C SER B 271 -9.60 18.69 20.22
N GLY B 272 -9.72 18.80 18.90
CA GLY B 272 -8.63 18.50 17.99
C GLY B 272 -8.37 19.63 17.03
N GLY B 273 -9.45 20.14 16.42
CA GLY B 273 -9.34 21.23 15.47
C GLY B 273 -8.57 22.43 15.98
N ILE B 274 -8.94 22.93 17.15
CA ILE B 274 -8.24 24.05 17.78
C ILE B 274 -6.71 23.82 17.87
N HIS B 275 -6.32 22.61 18.23
CA HIS B 275 -4.92 22.34 18.56
C HIS B 275 -4.05 21.89 17.39
N ILE B 276 -4.69 21.43 16.32
CA ILE B 276 -3.99 21.21 15.04
C ILE B 276 -3.45 22.55 14.54
N VAL B 277 -4.32 23.54 14.57
CA VAL B 277 -3.96 24.90 14.17
C VAL B 277 -2.96 25.52 15.15
N GLN B 278 -3.18 25.33 16.46
CA GLN B 278 -2.23 25.80 17.46
C GLN B 278 -0.82 25.25 17.21
N ILE B 279 -0.72 23.93 16.98
CA ILE B 279 0.56 23.30 16.71
C ILE B 279 1.16 23.82 15.41
N LEU B 280 0.33 23.98 14.38
CA LEU B 280 0.79 24.51 13.11
C LEU B 280 1.29 25.93 13.29
N ASN B 281 0.71 26.64 14.24
CA ASN B 281 1.14 28.00 14.54
C ASN B 281 2.55 28.06 15.12
N ILE B 282 2.83 27.19 16.09
CA ILE B 282 4.15 27.10 16.70
C ILE B 282 5.17 26.68 15.65
N LEU B 283 4.80 25.63 14.89
CA LEU B 283 5.61 25.08 13.81
C LEU B 283 6.02 26.12 12.78
N GLU B 284 5.10 27.02 12.45
CA GLU B 284 5.34 28.07 11.47
C GLU B 284 6.63 28.84 11.76
N ASN B 285 6.93 29.04 13.04
CA ASN B 285 8.12 29.78 13.46
C ASN B 285 9.44 29.08 13.13
N PHE B 286 9.38 27.90 12.50
CA PHE B 286 10.59 27.12 12.21
C PHE B 286 10.73 26.81 10.72
N ASP B 287 11.95 26.60 10.25
CA ASP B 287 12.16 26.18 8.86
C ASP B 287 12.12 24.66 8.80
N MET B 288 10.92 24.12 8.98
CA MET B 288 10.70 22.67 8.98
C MET B 288 11.36 21.98 7.79
N LYS B 289 11.12 22.53 6.60
CA LYS B 289 11.70 22.00 5.36
C LYS B 289 13.20 21.81 5.47
N LYS B 290 13.89 22.81 6.02
CA LYS B 290 15.34 22.75 6.16
C LYS B 290 15.76 21.49 6.93
N TYR B 291 15.05 21.17 8.01
CA TYR B 291 15.40 20.02 8.82
C TYR B 291 15.28 18.71 8.04
N GLY B 292 14.07 18.44 7.53
CA GLY B 292 13.79 17.24 6.75
C GLY B 292 13.03 16.21 7.56
N PHE B 293 12.18 15.43 6.89
CA PHE B 293 11.44 14.35 7.54
C PHE B 293 12.34 13.43 8.33
N GLY B 294 11.90 13.08 9.54
CA GLY B 294 12.54 12.04 10.36
C GLY B 294 13.94 12.41 10.83
N SER B 295 14.19 13.72 10.95
CA SER B 295 15.42 14.22 11.56
C SER B 295 15.12 14.43 13.03
N ALA B 296 16.16 14.45 13.85
CA ALA B 296 16.00 14.73 15.27
C ALA B 296 15.52 16.17 15.47
N ASP B 297 16.01 17.08 14.63
CA ASP B 297 15.62 18.48 14.71
C ASP B 297 14.14 18.65 14.43
N ALA B 298 13.69 18.13 13.29
CA ALA B 298 12.27 18.18 12.97
C ALA B 298 11.43 17.54 14.06
N MET B 299 11.85 16.37 14.53
CA MET B 299 11.06 15.57 15.45
C MET B 299 10.99 16.17 16.84
N GLN B 300 12.13 16.63 17.35
CA GLN B 300 12.20 17.32 18.64
C GLN B 300 11.30 18.57 18.68
N ILE B 301 11.36 19.38 17.63
CA ILE B 301 10.58 20.61 17.59
C ILE B 301 9.07 20.33 17.56
N MET B 302 8.66 19.34 16.77
CA MET B 302 7.24 18.98 16.71
C MET B 302 6.76 18.34 18.00
N ALA B 303 7.56 17.44 18.55
CA ALA B 303 7.21 16.78 19.80
C ALA B 303 6.91 17.82 20.88
N GLU B 304 7.86 18.71 21.12
CA GLU B 304 7.70 19.80 22.09
C GLU B 304 6.47 20.64 21.80
N ALA B 305 6.33 21.06 20.54
CA ALA B 305 5.17 21.84 20.10
C ALA B 305 3.87 21.13 20.46
N GLU B 306 3.78 19.85 20.10
CA GLU B 306 2.65 19.00 20.48
C GLU B 306 2.55 18.90 22.02
N LYS B 307 3.68 18.83 22.71
CA LYS B 307 3.70 18.67 24.16
C LYS B 307 2.99 19.86 24.80
N TYR B 308 3.42 21.07 24.45
CA TYR B 308 2.87 22.29 25.02
C TYR B 308 1.39 22.46 24.65
N ALA B 309 1.03 22.02 23.45
CA ALA B 309 -0.34 22.22 22.96
C ALA B 309 -1.30 21.35 23.74
N TYR B 310 -0.99 20.04 23.78
CA TYR B 310 -1.77 19.06 24.52
C TYR B 310 -1.89 19.45 25.99
N ALA B 311 -0.89 20.17 26.48
CA ALA B 311 -0.84 20.61 27.88
C ALA B 311 -1.91 21.66 28.17
N ASP B 312 -2.12 22.58 27.22
CA ASP B 312 -3.23 23.54 27.32
C ASP B 312 -4.58 22.83 27.15
N ARG B 313 -4.65 21.96 26.15
CA ARG B 313 -5.85 21.16 25.89
C ARG B 313 -6.40 20.49 27.16
N SER B 314 -5.50 20.13 28.08
CA SER B 314 -5.88 19.46 29.33
C SER B 314 -7.02 20.14 30.08
N GLU B 315 -6.95 21.47 30.22
CA GLU B 315 -7.96 22.23 30.97
C GLU B 315 -9.35 22.20 30.30
N TYR B 316 -9.34 22.33 28.98
CA TYR B 316 -10.56 22.25 28.17
C TYR B 316 -11.09 20.82 28.05
N LEU B 317 -10.31 19.87 28.56
CA LEU B 317 -10.65 18.44 28.61
C LEU B 317 -10.39 17.74 27.29
N VAL B 323 -14.08 28.74 30.93
CA VAL B 323 -13.26 29.38 31.96
C VAL B 323 -12.05 30.08 31.35
N LYS B 324 -11.70 31.23 31.91
CA LYS B 324 -10.58 32.07 31.44
C LYS B 324 -9.32 31.28 31.11
N VAL B 325 -8.76 31.48 29.91
CA VAL B 325 -9.28 32.41 28.91
C VAL B 325 -9.52 31.66 27.61
N PRO B 326 -10.75 31.76 27.07
CA PRO B 326 -11.44 30.92 26.08
C PRO B 326 -10.64 30.02 25.15
N TRP B 327 -11.13 28.78 25.00
CA TRP B 327 -10.70 27.84 23.99
C TRP B 327 -10.96 28.47 22.64
N GLN B 328 -10.05 28.28 21.71
CA GLN B 328 -10.20 28.81 20.34
C GLN B 328 -9.44 30.11 20.17
N ALA B 329 -9.22 30.81 21.28
CA ALA B 329 -8.29 31.93 21.31
C ALA B 329 -6.89 31.37 21.31
N LEU B 330 -6.82 30.04 21.48
CA LEU B 330 -5.57 29.31 21.47
C LEU B 330 -4.92 29.20 20.09
N THR B 331 -5.60 29.75 19.08
CA THR B 331 -5.03 29.86 17.73
C THR B 331 -4.39 31.25 17.49
N ASN B 332 -3.96 31.91 18.57
CA ASN B 332 -3.37 33.28 18.50
C ASN B 332 -1.90 33.24 18.12
N LYS B 333 -1.62 33.75 16.90
CA LYS B 333 -0.33 33.52 16.24
C LYS B 333 0.85 34.03 17.04
N ALA B 334 0.58 35.08 17.84
CA ALA B 334 1.58 35.65 18.73
C ALA B 334 1.74 34.74 19.96
N TYR B 335 0.63 34.14 20.42
CA TYR B 335 0.69 33.17 21.52
C TYR B 335 1.56 31.96 21.13
N ALA B 336 1.30 31.45 19.93
CA ALA B 336 2.09 30.39 19.32
C ALA B 336 3.54 30.80 19.15
N LYS B 337 3.74 32.07 18.78
CA LYS B 337 5.07 32.66 18.65
C LYS B 337 5.79 32.66 20.00
N SER B 338 5.01 32.78 21.08
CA SER B 338 5.60 32.90 22.41
C SER B 338 6.09 31.54 22.91
N ILE B 339 5.30 30.51 22.69
CA ILE B 339 5.71 29.17 23.10
C ILE B 339 6.86 28.67 22.19
N ALA B 340 6.95 29.22 20.98
CA ALA B 340 7.99 28.84 20.03
C ALA B 340 9.40 29.23 20.50
N ASP B 341 9.51 30.44 21.07
CA ASP B 341 10.75 30.90 21.68
C ASP B 341 11.03 30.12 22.97
N GLN B 342 9.96 29.61 23.58
CA GLN B 342 10.04 28.86 24.82
C GLN B 342 10.57 27.44 24.58
N ILE B 343 10.32 26.88 23.40
CA ILE B 343 10.87 25.56 23.09
C ILE B 343 12.38 25.61 22.80
N ASP B 344 12.97 24.44 22.75
CA ASP B 344 14.38 24.22 23.03
C ASP B 344 14.89 23.06 22.18
N ILE B 345 15.41 23.38 21.00
CA ILE B 345 15.82 22.41 19.98
C ILE B 345 16.64 21.23 20.55
N ASN B 346 17.37 21.49 21.63
CA ASN B 346 18.34 20.55 22.17
C ASN B 346 18.10 20.11 23.61
N LYS B 347 16.90 20.38 24.12
CA LYS B 347 16.55 20.02 25.48
C LYS B 347 15.04 19.90 25.63
N ALA B 348 14.53 18.68 25.55
CA ALA B 348 13.11 18.44 25.78
C ALA B 348 12.72 18.91 27.18
N LYS B 349 11.63 19.66 27.25
CA LYS B 349 11.12 20.16 28.52
C LYS B 349 10.34 19.06 29.20
N PRO B 350 10.71 18.72 30.46
CA PRO B 350 9.86 17.77 31.17
C PRO B 350 8.43 18.27 31.21
N SER B 351 7.48 17.36 31.01
CA SER B 351 6.06 17.71 31.00
C SER B 351 5.56 18.07 32.39
N SER B 352 6.20 17.52 33.41
CA SER B 352 5.83 17.75 34.80
C SER B 352 6.01 19.20 35.24
N GLU B 353 6.97 19.90 34.64
CA GLU B 353 7.24 21.30 34.98
C GLU B 353 6.59 22.30 34.01
N ILE B 354 5.65 21.81 33.19
CA ILE B 354 4.81 22.65 32.33
C ILE B 354 3.44 22.93 32.95
N ARG B 355 2.81 21.90 33.53
CA ARG B 355 1.53 22.12 34.22
C ARG B 355 1.45 21.34 35.56
N PRO B 356 0.38 20.55 35.83
CA PRO B 356 0.51 19.59 36.89
C PRO B 356 0.65 18.18 36.30
N GLY B 357 -0.12 17.22 36.84
CA GLY B 357 -0.15 15.86 36.32
C GLY B 357 -1.56 15.33 36.13
N LYS B 358 -2.36 16.04 35.35
CA LYS B 358 -3.76 15.66 35.13
C LYS B 358 -3.92 14.65 33.99
N LEU B 359 -4.39 13.45 34.32
CA LEU B 359 -4.61 12.38 33.36
C LEU B 359 -5.84 12.64 32.51
N ALA B 360 -5.62 12.86 31.21
CA ALA B 360 -6.70 13.11 30.25
C ALA B 360 -7.75 12.01 30.32
N PRO B 361 -9.04 12.39 30.44
CA PRO B 361 -10.17 11.46 30.45
C PRO B 361 -10.09 10.42 29.33
N TYR B 362 -10.47 9.18 29.66
CA TYR B 362 -10.44 8.09 28.69
C TYR B 362 -11.11 8.50 27.38
N GLU B 363 -10.44 8.16 26.27
CA GLU B 363 -10.97 8.41 24.94
C GLU B 363 -10.57 7.26 24.03
N SER B 364 -11.57 6.55 23.50
CA SER B 364 -11.35 5.40 22.62
C SER B 364 -10.77 5.79 21.24
N ASN B 365 -10.22 4.80 20.55
CA ASN B 365 -9.58 5.00 19.27
C ASN B 365 -10.52 4.88 18.08
N GLN B 366 -11.46 3.94 18.17
CA GLN B 366 -12.22 3.52 17.00
C GLN B 366 -13.15 4.57 16.44
N ALA B 367 -13.12 4.68 15.12
CA ALA B 367 -13.92 5.58 14.31
C ALA B 367 -13.45 5.35 12.90
N THR B 368 -14.09 6.01 11.95
CA THR B 368 -13.67 5.91 10.57
C THR B 368 -13.74 7.29 9.91
N HIS B 369 -12.75 7.58 9.06
CA HIS B 369 -12.73 8.81 8.30
C HIS B 369 -12.91 8.52 6.83
N TYR B 370 -13.57 9.42 6.12
CA TYR B 370 -13.54 9.40 4.67
C TYR B 370 -13.49 10.76 4.02
N SER B 371 -13.09 10.80 2.76
CA SER B 371 -12.92 12.04 2.04
C SER B 371 -13.48 11.88 0.66
N VAL B 372 -14.05 12.97 0.11
CA VAL B 372 -14.67 12.95 -1.19
C VAL B 372 -14.44 14.29 -1.85
N VAL B 373 -14.00 14.28 -3.11
CA VAL B 373 -13.91 15.49 -3.93
C VAL B 373 -14.57 15.24 -5.27
N ASP B 374 -15.43 16.17 -5.70
CA ASP B 374 -16.17 16.06 -6.96
C ASP B 374 -15.53 16.85 -8.10
N LYS B 375 -16.13 16.75 -9.29
CA LYS B 375 -15.62 17.43 -10.48
C LYS B 375 -15.75 18.96 -10.41
N ASP B 376 -16.64 19.46 -9.55
CA ASP B 376 -16.84 20.91 -9.37
C ASP B 376 -15.90 21.48 -8.33
N GLY B 377 -15.34 20.63 -7.48
CA GLY B 377 -14.39 21.07 -6.49
C GLY B 377 -15.00 21.14 -5.12
N ASN B 378 -16.27 20.79 -4.99
CA ASN B 378 -16.80 20.60 -3.66
C ASN B 378 -16.04 19.44 -3.02
N ALA B 379 -15.66 19.64 -1.77
CA ALA B 379 -14.91 18.66 -1.01
C ALA B 379 -15.63 18.40 0.30
N VAL B 380 -15.65 17.14 0.74
CA VAL B 380 -16.27 16.77 2.00
C VAL B 380 -15.37 15.86 2.82
N ALA B 381 -15.11 16.23 4.07
CA ALA B 381 -14.37 15.36 4.99
C ALA B 381 -15.24 14.97 6.20
N VAL B 382 -15.37 13.66 6.45
CA VAL B 382 -16.26 13.15 7.50
C VAL B 382 -15.56 12.18 8.46
N THR B 383 -15.61 12.47 9.75
CA THR B 383 -15.17 11.50 10.73
C THR B 383 -16.33 11.18 11.65
N TYR B 384 -16.67 9.90 11.75
CA TYR B 384 -17.70 9.44 12.68
C TYR B 384 -17.40 8.07 13.25
N THR B 385 -18.14 7.71 14.29
CA THR B 385 -17.83 6.54 15.08
C THR B 385 -19.04 6.15 15.88
N LEU B 386 -18.99 4.98 16.50
CA LEU B 386 -19.76 4.68 17.70
C LEU B 386 -18.83 5.17 18.79
N ASN B 387 -18.53 4.38 19.81
CA ASN B 387 -17.31 4.71 20.57
C ASN B 387 -16.30 3.57 20.43
N THR B 388 -16.46 2.51 21.21
CA THR B 388 -15.61 1.35 21.05
C THR B 388 -16.04 0.65 19.74
N THR B 389 -15.38 -0.45 19.37
CA THR B 389 -15.68 -1.16 18.14
C THR B 389 -17.01 -1.89 18.30
N PHE B 390 -17.99 -1.53 17.45
CA PHE B 390 -19.37 -2.01 17.55
C PHE B 390 -20.09 -1.37 18.74
N GLY B 391 -19.48 -0.33 19.29
CA GLY B 391 -20.03 0.39 20.45
C GLY B 391 -20.34 -0.57 21.58
N THR B 392 -21.58 -0.52 22.04
CA THR B 392 -22.05 -1.37 23.11
C THR B 392 -22.10 -2.85 22.73
N GLY B 393 -22.36 -3.11 21.45
CA GLY B 393 -22.60 -4.47 20.98
C GLY B 393 -24.08 -4.80 20.96
N ILE B 394 -24.90 -3.80 21.26
CA ILE B 394 -26.35 -3.92 21.32
C ILE B 394 -27.02 -3.42 20.04
N VAL B 395 -27.79 -4.30 19.41
CA VAL B 395 -28.67 -3.91 18.34
C VAL B 395 -29.98 -3.48 19.00
N ALA B 396 -30.50 -2.34 18.55
CA ALA B 396 -31.70 -1.76 19.09
C ALA B 396 -32.94 -2.51 18.58
N GLY B 397 -33.47 -3.40 19.40
CA GLY B 397 -34.64 -4.20 19.02
C GLY B 397 -34.54 -4.80 17.64
N GLU B 398 -35.62 -4.72 16.88
CA GLU B 398 -35.69 -5.37 15.56
C GLU B 398 -35.27 -4.43 14.42
N SER B 399 -34.31 -3.54 14.71
CA SER B 399 -33.93 -2.43 13.82
C SER B 399 -32.62 -2.65 13.07
N GLY B 400 -31.75 -3.48 13.64
CA GLY B 400 -30.44 -3.75 13.06
C GLY B 400 -29.38 -2.69 13.32
N ILE B 401 -29.71 -1.69 14.14
CA ILE B 401 -28.75 -0.62 14.37
C ILE B 401 -27.93 -0.85 15.63
N LEU B 402 -26.61 -0.97 15.47
CA LEU B 402 -25.69 -0.98 16.62
C LEU B 402 -25.73 0.38 17.31
N LEU B 403 -25.51 0.40 18.61
CA LEU B 403 -25.93 1.50 19.47
C LEU B 403 -24.79 1.98 20.36
N ASN B 404 -24.24 3.15 20.08
CA ASN B 404 -22.95 3.59 20.63
C ASN B 404 -22.84 3.54 22.15
N ASN B 405 -21.62 3.58 22.66
CA ASN B 405 -21.39 3.77 24.10
C ASN B 405 -20.57 5.03 24.40
N GLN B 406 -21.12 6.18 24.05
CA GLN B 406 -20.36 7.43 24.13
C GLN B 406 -20.33 8.00 25.53
N MET B 407 -21.26 7.59 26.39
CA MET B 407 -21.36 8.14 27.75
C MET B 407 -20.13 7.86 28.65
N ARG B 435 -23.31 16.57 25.00
CA ARG B 435 -22.46 16.49 23.80
C ARG B 435 -20.99 16.20 24.15
N PRO B 436 -20.65 14.91 24.39
CA PRO B 436 -19.30 14.46 24.75
C PRO B 436 -18.21 14.88 23.78
N LEU B 437 -17.06 15.20 24.37
CA LEU B 437 -15.92 15.72 23.66
C LEU B 437 -15.16 14.62 22.88
N SER B 438 -14.75 14.95 21.66
CA SER B 438 -14.07 14.00 20.79
C SER B 438 -12.89 14.63 20.10
N SER B 439 -11.86 13.84 19.81
CA SER B 439 -10.69 14.36 19.12
C SER B 439 -10.84 14.39 17.60
N MET B 440 -11.88 13.76 17.07
CA MET B 440 -12.12 13.71 15.61
C MET B 440 -12.02 15.09 14.98
N SER B 441 -11.35 15.16 13.83
CA SER B 441 -11.03 16.45 13.23
C SER B 441 -10.91 16.38 11.70
N PRO B 442 -12.05 16.21 11.00
CA PRO B 442 -12.00 16.36 9.56
C PRO B 442 -11.38 17.72 9.23
N THR B 443 -10.41 17.72 8.34
CA THR B 443 -9.60 18.88 8.10
C THR B 443 -9.45 19.07 6.63
N ILE B 444 -9.66 20.30 6.17
CA ILE B 444 -9.43 20.66 4.79
C ILE B 444 -8.36 21.76 4.70
N VAL B 445 -7.42 21.58 3.78
CA VAL B 445 -6.40 22.59 3.55
C VAL B 445 -6.58 23.25 2.20
N VAL B 446 -6.41 24.57 2.20
CA VAL B 446 -6.57 25.42 1.02
C VAL B 446 -5.23 26.08 0.66
N LYS B 447 -4.81 25.91 -0.58
CA LYS B 447 -3.60 26.55 -1.10
C LYS B 447 -3.97 27.42 -2.29
N ASP B 448 -3.25 28.52 -2.47
CA ASP B 448 -3.48 29.44 -3.58
C ASP B 448 -4.99 29.70 -3.81
N GLY B 449 -5.77 29.68 -2.74
CA GLY B 449 -7.20 30.00 -2.83
C GLY B 449 -8.10 28.82 -3.17
N LYS B 450 -7.50 27.68 -3.48
CA LYS B 450 -8.25 26.51 -3.91
C LYS B 450 -8.12 25.33 -2.93
N THR B 451 -9.17 24.50 -2.85
CA THR B 451 -9.15 23.32 -1.97
C THR B 451 -8.04 22.42 -2.45
N TRP B 452 -7.18 21.99 -1.51
CA TRP B 452 -5.90 21.35 -1.85
C TRP B 452 -5.65 20.04 -1.11
N LEU B 453 -5.92 19.99 0.19
CA LEU B 453 -5.83 18.74 0.93
C LEU B 453 -7.11 18.50 1.71
N VAL B 454 -7.65 17.28 1.62
CA VAL B 454 -8.81 16.84 2.38
C VAL B 454 -8.40 15.58 3.15
N THR B 455 -8.48 15.64 4.48
CA THR B 455 -7.99 14.53 5.28
C THR B 455 -8.69 14.39 6.63
N GLY B 456 -8.23 13.44 7.43
CA GLY B 456 -8.78 13.14 8.75
C GLY B 456 -8.34 11.74 9.08
N SER B 457 -8.63 11.30 10.30
CA SER B 457 -8.31 9.95 10.70
C SER B 457 -9.01 9.65 12.02
N PRO B 458 -9.22 8.35 12.34
CA PRO B 458 -9.47 7.93 13.71
C PRO B 458 -8.18 7.85 14.49
N GLY B 459 -8.28 7.44 15.76
CA GLY B 459 -7.11 7.22 16.62
C GLY B 459 -7.24 7.99 17.93
N GLY B 460 -8.41 8.59 18.13
CA GLY B 460 -8.68 9.40 19.31
C GLY B 460 -7.70 10.52 19.49
N SER B 461 -7.13 10.59 20.69
CA SER B 461 -6.14 11.59 21.04
C SER B 461 -5.12 11.85 19.93
N ARG B 462 -4.70 10.79 19.24
CA ARG B 462 -3.66 10.85 18.24
C ARG B 462 -4.07 11.41 16.86
N ILE B 463 -5.37 11.58 16.66
CA ILE B 463 -5.92 12.18 15.44
C ILE B 463 -5.29 13.54 15.21
N ILE B 464 -5.01 14.24 16.31
CA ILE B 464 -4.38 15.57 16.24
C ILE B 464 -3.01 15.46 15.57
N THR B 465 -2.16 14.59 16.09
CA THR B 465 -0.81 14.48 15.56
C THR B 465 -0.78 13.78 14.19
N THR B 466 -1.62 12.76 14.00
CA THR B 466 -1.75 12.08 12.70
C THR B 466 -2.10 13.03 11.54
N VAL B 467 -3.14 13.86 11.76
CA VAL B 467 -3.64 14.80 10.76
C VAL B 467 -2.56 15.84 10.52
N LEU B 468 -1.91 16.20 11.61
CA LEU B 468 -0.83 17.18 11.63
C LEU B 468 0.39 16.70 10.81
N GLN B 469 0.72 15.42 10.94
CA GLN B 469 1.81 14.85 10.15
C GLN B 469 1.46 14.82 8.65
N MET B 470 0.21 14.52 8.33
CA MET B 470 -0.28 14.62 6.95
C MET B 470 -0.03 16.01 6.36
N VAL B 471 -0.32 17.04 7.16
CA VAL B 471 -0.27 18.40 6.68
C VAL B 471 1.17 18.85 6.49
N VAL B 472 2.00 18.66 7.52
CA VAL B 472 3.40 19.02 7.44
C VAL B 472 4.15 18.23 6.36
N ASN B 473 3.86 16.93 6.26
CA ASN B 473 4.59 16.09 5.30
C ASN B 473 4.38 16.55 3.87
N SER B 474 3.21 17.13 3.63
CA SER B 474 2.78 17.53 2.31
C SER B 474 3.14 18.99 2.01
N ILE B 475 3.09 19.82 3.04
CA ILE B 475 3.45 21.23 2.91
C ILE B 475 4.96 21.51 3.06
N ASP B 476 5.58 20.96 4.10
CA ASP B 476 6.99 21.27 4.41
C ASP B 476 7.98 20.34 3.72
N TYR B 477 7.72 19.03 3.77
CA TYR B 477 8.67 18.06 3.28
C TYR B 477 8.40 17.70 1.82
N GLY B 478 7.34 18.28 1.25
CA GLY B 478 7.08 18.18 -0.18
C GLY B 478 6.75 16.78 -0.66
N LEU B 479 6.18 15.99 0.23
CA LEU B 479 5.80 14.62 -0.07
C LEU B 479 4.42 14.55 -0.71
N ASN B 480 4.29 13.67 -1.72
CA ASN B 480 3.01 13.44 -2.37
C ASN B 480 2.05 12.79 -1.37
N VAL B 481 0.76 12.85 -1.65
CA VAL B 481 -0.24 12.41 -0.67
C VAL B 481 0.00 10.97 -0.18
N ALA B 482 0.41 10.07 -1.06
CA ALA B 482 0.66 8.68 -0.66
C ALA B 482 1.94 8.52 0.18
N GLU B 483 3.03 9.15 -0.24
CA GLU B 483 4.23 9.21 0.60
C GLU B 483 3.89 9.71 2.00
N ALA B 484 3.06 10.74 2.08
CA ALA B 484 2.70 11.39 3.34
C ALA B 484 1.98 10.43 4.27
N THR B 485 1.07 9.66 3.67
CA THR B 485 0.31 8.61 4.32
C THR B 485 1.16 7.44 4.85
N ASN B 486 2.23 7.11 4.13
CA ASN B 486 3.00 5.89 4.39
C ASN B 486 4.18 6.18 5.27
N ALA B 487 4.45 7.47 5.44
CA ALA B 487 5.52 7.94 6.31
C ALA B 487 5.32 7.38 7.70
N PRO B 488 6.44 7.05 8.39
CA PRO B 488 6.31 6.66 9.80
C PRO B 488 5.74 7.84 10.60
N ARG B 489 5.04 7.53 11.68
CA ARG B 489 4.42 8.57 12.47
C ARG B 489 4.92 8.58 13.90
N PHE B 490 4.93 9.78 14.48
CA PHE B 490 5.34 9.99 15.85
C PHE B 490 4.37 10.93 16.56
N HIS B 491 4.41 10.93 17.88
CA HIS B 491 3.36 11.51 18.65
C HIS B 491 3.83 11.81 20.06
N HIS B 492 3.59 13.05 20.49
CA HIS B 492 3.69 13.38 21.91
C HIS B 492 2.42 14.06 22.33
N GLN B 493 1.74 13.44 23.28
CA GLN B 493 0.74 14.13 24.09
C GLN B 493 1.50 14.37 25.37
N TRP B 494 1.29 15.51 26.03
CA TRP B 494 2.15 15.85 27.16
C TRP B 494 2.12 14.83 28.29
N LEU B 495 0.97 14.20 28.49
CA LEU B 495 0.84 13.12 29.48
C LEU B 495 0.25 11.83 28.90
N PRO B 496 1.01 10.71 29.00
CA PRO B 496 2.30 10.57 29.67
C PRO B 496 3.48 11.23 28.94
N ASP B 497 4.48 11.65 29.71
CA ASP B 497 5.69 12.25 29.17
C ASP B 497 6.53 11.21 28.43
N GLU B 498 6.26 11.06 27.13
CA GLU B 498 6.96 10.11 26.27
C GLU B 498 6.76 10.42 24.78
N LEU B 499 7.83 10.31 24.02
CA LEU B 499 7.74 10.43 22.58
C LEU B 499 7.31 9.08 22.05
N ARG B 500 6.05 8.98 21.65
CA ARG B 500 5.49 7.72 21.14
C ARG B 500 5.75 7.60 19.64
N VAL B 501 6.39 6.50 19.24
CA VAL B 501 6.77 6.28 17.84
C VAL B 501 6.26 4.96 17.23
N GLU B 502 6.11 4.94 15.90
CA GLU B 502 5.92 3.70 15.14
C GLU B 502 7.28 3.17 14.72
N LYS B 503 7.28 2.02 14.04
CA LYS B 503 8.44 1.45 13.38
C LYS B 503 8.94 2.44 12.32
N GLY B 504 10.23 2.36 11.98
CA GLY B 504 10.77 3.05 10.80
C GLY B 504 11.61 4.29 11.01
N PHE B 505 11.75 4.74 12.26
CA PHE B 505 12.63 5.87 12.52
C PHE B 505 14.01 5.32 12.76
N SER B 506 15.02 6.04 12.27
CA SER B 506 16.41 5.62 12.38
C SER B 506 16.83 5.49 13.83
N PRO B 507 17.55 4.41 14.17
CA PRO B 507 18.10 4.27 15.53
C PRO B 507 19.02 5.44 15.91
N ASP B 508 19.73 6.00 14.94
CA ASP B 508 20.62 7.15 15.16
C ASP B 508 19.81 8.35 15.64
N THR B 509 18.63 8.52 15.05
CA THR B 509 17.73 9.62 15.36
C THR B 509 17.07 9.42 16.73
N LEU B 510 16.75 8.18 17.08
CA LEU B 510 16.23 7.90 18.42
C LEU B 510 17.27 8.21 19.48
N LYS B 511 18.45 7.61 19.34
CA LYS B 511 19.56 7.89 20.26
C LYS B 511 19.67 9.40 20.49
N LEU B 512 19.63 10.18 19.40
CA LEU B 512 19.73 11.63 19.48
C LEU B 512 18.59 12.28 20.27
N LEU B 513 17.37 11.74 20.15
CA LEU B 513 16.21 12.28 20.87
C LEU B 513 16.22 11.93 22.36
N GLU B 514 16.61 10.70 22.69
CA GLU B 514 16.79 10.29 24.09
C GLU B 514 17.74 11.25 24.81
N ALA B 515 18.83 11.62 24.13
CA ALA B 515 19.87 12.52 24.67
C ALA B 515 19.33 13.90 25.01
N LYS B 516 18.36 14.35 24.22
CA LYS B 516 17.71 15.64 24.45
C LYS B 516 16.66 15.55 25.56
N GLY B 517 16.39 14.34 26.04
CA GLY B 517 15.50 14.11 27.18
C GLY B 517 14.11 13.61 26.85
N GLN B 518 13.98 12.91 25.72
CA GLN B 518 12.72 12.29 25.32
C GLN B 518 12.69 10.81 25.65
N LYS B 519 11.66 10.39 26.36
CA LYS B 519 11.41 8.97 26.59
C LYS B 519 10.69 8.36 25.39
N VAL B 520 11.47 7.76 24.49
CA VAL B 520 10.96 7.11 23.30
C VAL B 520 10.17 5.86 23.71
N ALA B 521 9.10 5.58 22.98
CA ALA B 521 8.23 4.43 23.23
C ALA B 521 7.64 3.85 21.94
N LEU B 522 8.29 2.79 21.44
CA LEU B 522 7.80 2.07 20.27
C LEU B 522 6.43 1.48 20.62
N LYS B 523 5.38 2.05 20.01
CA LYS B 523 4.00 1.59 20.23
C LYS B 523 3.31 1.27 18.90
N GLU B 524 2.11 0.69 18.99
CA GLU B 524 1.35 0.23 17.80
C GLU B 524 0.91 1.33 16.83
N ALA B 525 0.60 0.92 15.60
CA ALA B 525 0.28 1.85 14.52
C ALA B 525 -0.84 2.81 14.91
N MET B 526 -0.66 4.07 14.48
CA MET B 526 -1.59 5.14 14.79
C MET B 526 -2.47 5.47 13.59
N GLY B 527 -3.77 5.34 13.76
CA GLY B 527 -4.75 5.92 12.83
C GLY B 527 -5.05 5.22 11.52
N SER B 528 -5.90 5.88 10.72
CA SER B 528 -6.39 5.35 9.45
C SER B 528 -6.78 6.56 8.60
N THR B 529 -5.76 7.23 8.05
CA THR B 529 -5.92 8.37 7.15
C THR B 529 -6.52 7.96 5.81
N GLN B 530 -7.43 8.78 5.28
CA GLN B 530 -7.99 8.61 3.94
C GLN B 530 -8.06 10.00 3.28
N SER B 531 -7.20 10.24 2.29
CA SER B 531 -6.87 11.60 1.90
C SER B 531 -6.91 11.85 0.41
N ILE B 532 -7.29 13.08 0.06
CA ILE B 532 -7.31 13.52 -1.32
C ILE B 532 -6.56 14.84 -1.48
N MET B 533 -5.46 14.81 -2.22
CA MET B 533 -4.77 16.03 -2.64
C MET B 533 -5.40 16.45 -3.97
N VAL B 534 -5.64 17.75 -4.11
CA VAL B 534 -6.27 18.28 -5.29
C VAL B 534 -5.30 19.27 -5.91
N GLY B 535 -5.22 19.26 -7.25
CA GLY B 535 -4.37 20.18 -7.97
C GLY B 535 -5.17 21.32 -8.56
N PRO B 536 -4.50 22.46 -8.83
CA PRO B 536 -5.19 23.66 -9.32
C PRO B 536 -5.69 23.36 -10.73
N ASP B 537 -5.19 22.25 -11.25
CA ASP B 537 -5.58 21.61 -12.49
C ASP B 537 -6.98 20.96 -12.44
N GLY B 538 -7.42 20.59 -11.25
CA GLY B 538 -8.58 19.71 -11.10
C GLY B 538 -8.17 18.23 -11.05
N GLU B 539 -6.88 17.96 -11.21
CA GLU B 539 -6.31 16.61 -11.10
C GLU B 539 -6.46 16.17 -9.65
N LEU B 540 -6.80 14.91 -9.47
CA LEU B 540 -7.00 14.39 -8.14
C LEU B 540 -5.98 13.29 -7.77
N TYR B 541 -5.56 13.34 -6.52
CA TYR B 541 -4.53 12.47 -5.99
C TYR B 541 -4.98 11.94 -4.65
N GLY B 542 -5.02 10.61 -4.53
CA GLY B 542 -5.58 9.97 -3.34
C GLY B 542 -4.68 8.93 -2.73
N ALA B 543 -4.77 8.79 -1.41
CA ALA B 543 -3.98 7.82 -0.66
C ALA B 543 -4.76 7.25 0.49
N SER B 544 -4.80 5.93 0.56
CA SER B 544 -5.48 5.22 1.63
C SER B 544 -4.43 4.75 2.61
N ASP B 545 -4.75 4.80 3.90
CA ASP B 545 -3.81 4.36 4.94
C ASP B 545 -3.40 2.90 4.82
N PRO B 546 -2.09 2.63 4.81
CA PRO B 546 -1.73 1.20 4.77
C PRO B 546 -2.15 0.50 6.07
N ARG B 547 -2.35 1.29 7.12
CA ARG B 547 -2.57 0.79 8.45
C ARG B 547 -3.93 0.09 8.63
N SER B 548 -4.73 0.08 7.57
CA SER B 548 -6.00 -0.67 7.53
C SER B 548 -6.08 -1.51 6.25
N VAL B 549 -6.23 -2.81 6.43
CA VAL B 549 -6.42 -3.72 5.32
C VAL B 549 -7.79 -3.47 4.67
N ASP B 550 -7.91 -3.79 3.38
CA ASP B 550 -9.17 -3.67 2.62
C ASP B 550 -9.68 -2.24 2.42
N ASP B 551 -8.85 -1.23 2.63
CA ASP B 551 -9.33 0.12 2.36
C ASP B 551 -9.14 0.49 0.90
N LEU B 552 -9.78 1.56 0.49
CA LEU B 552 -9.67 1.96 -0.90
C LEU B 552 -9.87 3.46 -1.10
N THR B 553 -9.14 3.95 -2.08
CA THR B 553 -9.30 5.26 -2.66
C THR B 553 -9.46 5.01 -4.16
N ALA B 554 -10.55 5.53 -4.71
CA ALA B 554 -10.84 5.31 -6.11
C ALA B 554 -11.51 6.55 -6.68
N GLY B 555 -11.53 6.64 -8.01
CA GLY B 555 -12.08 7.78 -8.68
C GLY B 555 -12.49 7.39 -10.08
N TYR B 556 -12.76 8.39 -10.89
CA TYR B 556 -13.10 8.22 -12.31
C TYR B 556 -12.74 9.49 -13.10
#